data_1QIC
#
_entry.id   1QIC
#
_cell.length_a   71.250
_cell.length_b   59.320
_cell.length_c   72.300
_cell.angle_alpha   90.00
_cell.angle_beta   101.64
_cell.angle_gamma   90.00
#
_symmetry.space_group_name_H-M   'P 1 21 1'
#
loop_
_entity.id
_entity.type
_entity.pdbx_description
1 polymer 'PROTEIN (STROMELYSIN-1)'
2 non-polymer 'ZINC ION'
3 non-polymer 'CALCIUM ION'
4 water water
#
_entity_poly.entity_id   1
_entity_poly.type   'polypeptide(L)'
_entity_poly.pdbx_seq_one_letter_code
;IPKWRKTHLTYRIVNYTPDLPKDAVDSAVEKALKVWEEVTPLTFSRLYEGEADIMISFAVREHGDFYPFDGPGNVLAHAY
APGPGINGDAHFDDDEQWTKDTTGTNLFLVAAHEIGHSLGLFHSANTEALMYPLYHSLTDLTRFRLSQDDINGIQSLYGP
P
;
_entity_poly.pdbx_strand_id   A,B,C,D
#
loop_
_chem_comp.id
_chem_comp.type
_chem_comp.name
_chem_comp.formula
CA non-polymer 'CALCIUM ION' 'Ca 2'
ZN non-polymer 'ZINC ION' 'Zn 2'
#
# COMPACT_ATOMS: atom_id res chain seq x y z
N ILE A 1 -7.72 -22.69 6.67
CA ILE A 1 -7.06 -23.25 5.45
C ILE A 1 -7.28 -24.78 5.42
N PRO A 2 -8.49 -25.22 5.06
CA PRO A 2 -8.80 -26.65 5.00
C PRO A 2 -7.97 -27.38 3.95
N LYS A 3 -7.52 -28.58 4.30
CA LYS A 3 -6.75 -29.41 3.39
C LYS A 3 -6.73 -30.87 3.85
N TRP A 4 -6.50 -31.78 2.90
CA TRP A 4 -6.45 -33.21 3.16
C TRP A 4 -5.23 -33.59 4.00
N ARG A 5 -5.43 -34.52 4.92
CA ARG A 5 -4.36 -35.00 5.78
C ARG A 5 -3.89 -36.35 5.25
N LYS A 6 -3.82 -36.46 3.93
CA LYS A 6 -3.41 -37.70 3.28
C LYS A 6 -3.26 -37.40 1.78
N THR A 7 -2.19 -37.91 1.18
CA THR A 7 -1.95 -37.67 -0.24
C THR A 7 -2.64 -38.64 -1.20
N HIS A 8 -3.22 -39.72 -0.67
CA HIS A 8 -3.90 -40.70 -1.49
C HIS A 8 -5.43 -40.66 -1.24
N LEU A 9 -6.16 -40.08 -2.20
CA LEU A 9 -7.62 -39.94 -2.13
C LEU A 9 -8.33 -40.94 -3.04
N THR A 10 -9.56 -41.29 -2.69
CA THR A 10 -10.37 -42.21 -3.49
C THR A 10 -11.61 -41.48 -3.98
N TYR A 11 -12.02 -41.78 -5.21
CA TYR A 11 -13.19 -41.13 -5.80
C TYR A 11 -14.14 -42.16 -6.36
N ARG A 12 -15.39 -41.77 -6.49
CA ARG A 12 -16.43 -42.63 -7.02
C ARG A 12 -17.47 -41.88 -7.82
N ILE A 13 -17.62 -42.26 -9.08
CA ILE A 13 -18.64 -41.66 -9.93
C ILE A 13 -19.98 -42.30 -9.62
N VAL A 14 -20.74 -41.67 -8.72
CA VAL A 14 -22.03 -42.20 -8.29
C VAL A 14 -22.97 -42.47 -9.47
N ASN A 15 -23.11 -41.52 -10.39
CA ASN A 15 -23.98 -41.72 -11.55
C ASN A 15 -23.48 -40.92 -12.75
N TYR A 16 -24.22 -40.97 -13.86
CA TYR A 16 -23.79 -40.28 -15.07
C TYR A 16 -24.87 -39.39 -15.67
N THR A 17 -24.42 -38.43 -16.47
CA THR A 17 -25.30 -37.49 -17.15
C THR A 17 -25.77 -38.07 -18.49
N PRO A 18 -27.00 -37.74 -18.89
CA PRO A 18 -27.56 -38.21 -20.16
C PRO A 18 -26.93 -37.53 -21.38
N ASP A 19 -26.22 -36.43 -21.15
CA ASP A 19 -25.57 -35.67 -22.21
C ASP A 19 -24.41 -36.35 -22.92
N LEU A 20 -23.60 -37.09 -22.16
CA LEU A 20 -22.45 -37.79 -22.71
C LEU A 20 -22.44 -39.30 -22.44
N PRO A 21 -21.66 -40.06 -23.23
CA PRO A 21 -21.59 -41.51 -23.04
C PRO A 21 -20.85 -41.75 -21.73
N LYS A 22 -21.10 -42.90 -21.12
CA LYS A 22 -20.46 -43.28 -19.85
C LYS A 22 -18.96 -43.04 -19.91
N ASP A 23 -18.37 -43.28 -21.08
CA ASP A 23 -16.92 -43.11 -21.24
C ASP A 23 -16.43 -41.68 -21.27
N ALA A 24 -17.14 -40.80 -21.99
CA ALA A 24 -16.76 -39.39 -22.09
C ALA A 24 -16.74 -38.75 -20.70
N VAL A 25 -17.58 -39.26 -19.82
CA VAL A 25 -17.67 -38.78 -18.45
C VAL A 25 -16.46 -39.21 -17.64
N ASP A 26 -16.13 -40.51 -17.71
CA ASP A 26 -14.98 -41.04 -16.97
C ASP A 26 -13.68 -40.38 -17.40
N SER A 27 -13.55 -40.11 -18.69
CA SER A 27 -12.35 -39.49 -19.25
C SER A 27 -12.18 -38.06 -18.75
N ALA A 28 -13.28 -37.32 -18.72
CA ALA A 28 -13.25 -35.94 -18.26
C ALA A 28 -12.78 -35.90 -16.81
N VAL A 29 -13.27 -36.84 -16.02
CA VAL A 29 -12.94 -36.94 -14.61
C VAL A 29 -11.48 -37.35 -14.40
N GLU A 30 -11.05 -38.39 -15.11
CA GLU A 30 -9.69 -38.89 -15.01
C GLU A 30 -8.69 -37.84 -15.46
N LYS A 31 -8.99 -37.18 -16.58
CA LYS A 31 -8.11 -36.13 -17.12
C LYS A 31 -8.09 -34.94 -16.15
N ALA A 32 -9.20 -34.70 -15.45
CA ALA A 32 -9.30 -33.60 -14.49
C ALA A 32 -8.49 -33.89 -13.24
N LEU A 33 -8.52 -35.14 -12.79
CA LEU A 33 -7.79 -35.55 -11.60
C LEU A 33 -6.30 -35.61 -11.89
N LYS A 34 -5.97 -36.07 -13.09
CA LYS A 34 -4.60 -36.22 -13.52
C LYS A 34 -3.84 -34.88 -13.57
N VAL A 35 -4.55 -33.77 -13.83
CA VAL A 35 -3.87 -32.47 -13.89
C VAL A 35 -3.29 -32.09 -12.53
N TRP A 36 -3.99 -32.48 -11.47
CA TRP A 36 -3.53 -32.19 -10.11
C TRP A 36 -2.55 -33.24 -9.63
N GLU A 37 -2.79 -34.49 -10.04
CA GLU A 37 -1.95 -35.61 -9.65
C GLU A 37 -0.52 -35.43 -10.18
N GLU A 38 -0.40 -34.76 -11.32
CA GLU A 38 0.89 -34.51 -11.95
C GLU A 38 1.75 -33.48 -11.22
N VAL A 39 1.11 -32.47 -10.65
CA VAL A 39 1.85 -31.41 -9.95
C VAL A 39 1.96 -31.53 -8.43
N THR A 40 1.56 -32.69 -7.89
CA THR A 40 1.59 -32.95 -6.44
C THR A 40 1.70 -34.44 -6.11
N PRO A 41 1.97 -34.78 -4.84
CA PRO A 41 2.09 -36.18 -4.39
C PRO A 41 0.71 -36.86 -4.29
N LEU A 42 -0.32 -36.14 -4.68
CA LEU A 42 -1.69 -36.63 -4.68
C LEU A 42 -1.87 -37.81 -5.62
N THR A 43 -2.55 -38.84 -5.14
CA THR A 43 -2.81 -40.04 -5.91
C THR A 43 -4.27 -40.39 -5.74
N PHE A 44 -4.97 -40.60 -6.85
CA PHE A 44 -6.38 -40.95 -6.81
C PHE A 44 -6.60 -42.40 -7.18
N SER A 45 -7.63 -43.01 -6.60
CA SER A 45 -7.94 -44.40 -6.87
C SER A 45 -9.46 -44.55 -6.98
N ARG A 46 -9.90 -45.13 -8.09
CA ARG A 46 -11.33 -45.33 -8.35
C ARG A 46 -11.99 -46.39 -7.46
N LEU A 47 -13.18 -46.06 -6.98
CA LEU A 47 -13.99 -46.96 -6.14
C LEU A 47 -15.35 -47.09 -6.80
N TYR A 48 -15.84 -48.32 -6.93
CA TYR A 48 -17.13 -48.57 -7.56
C TYR A 48 -18.21 -48.85 -6.53
N GLU A 49 -17.81 -49.02 -5.29
CA GLU A 49 -18.75 -49.29 -4.20
C GLU A 49 -18.41 -48.46 -2.95
N GLY A 50 -19.39 -48.35 -2.05
CA GLY A 50 -19.19 -47.63 -0.81
C GLY A 50 -18.85 -46.15 -0.84
N GLU A 51 -18.30 -45.69 0.28
CA GLU A 51 -17.92 -44.30 0.48
C GLU A 51 -16.51 -43.97 -0.01
N ALA A 52 -16.41 -42.89 -0.79
CA ALA A 52 -15.13 -42.42 -1.31
C ALA A 52 -14.90 -41.01 -0.81
N ASP A 53 -13.65 -40.56 -0.87
CA ASP A 53 -13.31 -39.22 -0.41
C ASP A 53 -13.97 -38.14 -1.26
N ILE A 54 -14.06 -38.39 -2.56
CA ILE A 54 -14.68 -37.43 -3.47
C ILE A 54 -15.84 -38.12 -4.19
N MET A 55 -17.05 -37.85 -3.71
CA MET A 55 -18.26 -38.43 -4.28
C MET A 55 -18.79 -37.57 -5.41
N ILE A 56 -18.45 -37.96 -6.63
CA ILE A 56 -18.85 -37.23 -7.82
C ILE A 56 -20.24 -37.67 -8.32
N SER A 57 -21.09 -36.70 -8.65
CA SER A 57 -22.42 -37.03 -9.15
C SER A 57 -23.09 -35.88 -9.90
N PHE A 58 -24.11 -36.22 -10.67
CA PHE A 58 -24.88 -35.23 -11.43
C PHE A 58 -26.25 -35.06 -10.79
N ALA A 59 -26.80 -33.85 -10.85
CA ALA A 59 -28.10 -33.59 -10.25
C ALA A 59 -28.71 -32.26 -10.66
N VAL A 60 -30.05 -32.17 -10.54
CA VAL A 60 -30.79 -30.94 -10.86
C VAL A 60 -31.47 -30.40 -9.59
N ARG A 61 -31.65 -29.08 -9.55
CA ARG A 61 -32.27 -28.37 -8.41
C ARG A 61 -31.84 -28.93 -7.05
N GLU A 62 -32.81 -29.18 -6.17
CA GLU A 62 -32.54 -29.73 -4.85
C GLU A 62 -32.03 -31.16 -5.00
N HIS A 63 -31.01 -31.51 -4.22
CA HIS A 63 -30.41 -32.84 -4.34
C HIS A 63 -29.62 -33.37 -3.14
N GLY A 64 -30.03 -32.99 -1.93
CA GLY A 64 -29.33 -33.52 -0.77
C GLY A 64 -28.63 -32.55 0.16
N ASP A 65 -27.62 -31.89 -0.34
CA ASP A 65 -26.88 -30.95 0.50
C ASP A 65 -27.54 -29.59 0.74
N PHE A 66 -26.71 -28.64 1.14
CA PHE A 66 -27.13 -27.28 1.43
C PHE A 66 -27.14 -26.29 0.27
N TYR A 67 -26.79 -26.74 -0.93
CA TYR A 67 -26.79 -25.83 -2.08
C TYR A 67 -27.51 -26.41 -3.27
N PRO A 68 -28.76 -25.99 -3.48
CA PRO A 68 -29.55 -26.48 -4.61
C PRO A 68 -29.01 -25.92 -5.91
N PHE A 69 -29.42 -26.51 -7.03
CA PHE A 69 -28.99 -26.01 -8.32
C PHE A 69 -30.10 -25.09 -8.85
N ASP A 70 -29.72 -24.17 -9.72
CA ASP A 70 -30.66 -23.20 -10.28
C ASP A 70 -31.16 -23.41 -11.68
N GLY A 71 -31.14 -24.66 -12.16
CA GLY A 71 -31.61 -24.92 -13.50
C GLY A 71 -30.60 -24.50 -14.57
N PRO A 72 -31.05 -24.21 -15.80
CA PRO A 72 -30.17 -23.80 -16.89
C PRO A 72 -29.42 -22.48 -16.66
N GLY A 73 -28.12 -22.48 -16.94
CA GLY A 73 -27.28 -21.31 -16.77
C GLY A 73 -26.89 -21.06 -15.33
N ASN A 74 -25.99 -20.10 -15.13
CA ASN A 74 -25.50 -19.73 -13.82
C ASN A 74 -24.57 -20.74 -13.15
N VAL A 75 -24.90 -21.15 -11.92
CA VAL A 75 -24.09 -22.12 -11.19
C VAL A 75 -24.05 -23.46 -11.91
N LEU A 76 -22.96 -23.70 -12.62
CA LEU A 76 -22.78 -24.93 -13.39
C LEU A 76 -22.56 -26.16 -12.49
N ALA A 77 -21.96 -25.93 -11.33
CA ALA A 77 -21.67 -26.99 -10.36
C ALA A 77 -21.06 -26.38 -9.09
N HIS A 78 -20.42 -27.22 -8.28
CA HIS A 78 -19.74 -26.77 -7.07
C HIS A 78 -19.17 -27.94 -6.30
N ALA A 79 -18.14 -27.66 -5.50
CA ALA A 79 -17.49 -28.67 -4.70
C ALA A 79 -17.22 -28.16 -3.30
N TYR A 80 -17.06 -29.08 -2.35
CA TYR A 80 -16.79 -28.74 -0.96
C TYR A 80 -15.31 -28.91 -0.64
N ALA A 81 -14.79 -28.08 0.25
CA ALA A 81 -13.40 -28.13 0.66
C ALA A 81 -13.10 -29.46 1.33
N PRO A 82 -11.81 -29.82 1.48
CA PRO A 82 -11.41 -31.09 2.10
C PRO A 82 -12.05 -31.32 3.48
N GLY A 83 -12.39 -32.58 3.73
CA GLY A 83 -13.01 -32.94 4.99
C GLY A 83 -13.77 -34.25 4.93
N PRO A 84 -14.56 -34.56 5.97
CA PRO A 84 -15.34 -35.80 6.01
C PRO A 84 -16.71 -35.66 5.35
N GLY A 85 -17.43 -36.78 5.28
CA GLY A 85 -18.76 -36.80 4.71
C GLY A 85 -18.97 -36.01 3.43
N ILE A 86 -19.89 -35.05 3.48
CA ILE A 86 -20.23 -34.21 2.34
C ILE A 86 -19.04 -33.43 1.76
N ASN A 87 -18.07 -33.12 2.61
CA ASN A 87 -16.87 -32.39 2.18
C ASN A 87 -16.06 -33.17 1.17
N GLY A 88 -15.51 -32.46 0.20
CA GLY A 88 -14.71 -33.10 -0.83
C GLY A 88 -15.52 -33.58 -2.03
N ASP A 89 -16.85 -33.63 -1.87
CA ASP A 89 -17.75 -34.07 -2.94
C ASP A 89 -17.86 -33.05 -4.05
N ALA A 90 -18.10 -33.54 -5.26
CA ALA A 90 -18.23 -32.68 -6.43
C ALA A 90 -19.53 -33.01 -7.15
N HIS A 91 -20.41 -32.02 -7.25
CA HIS A 91 -21.70 -32.21 -7.91
C HIS A 91 -21.85 -31.31 -9.14
N PHE A 92 -22.35 -31.88 -10.23
CA PHE A 92 -22.53 -31.16 -11.49
C PHE A 92 -24.01 -30.95 -11.82
N ASP A 93 -24.39 -29.72 -12.14
CA ASP A 93 -25.77 -29.45 -12.47
C ASP A 93 -26.12 -30.06 -13.83
N ASP A 94 -26.96 -31.08 -13.81
CA ASP A 94 -27.35 -31.73 -15.04
C ASP A 94 -28.44 -30.96 -15.78
N ASP A 95 -28.52 -29.66 -15.55
CA ASP A 95 -29.47 -28.83 -16.27
C ASP A 95 -28.72 -28.15 -17.40
N GLU A 96 -27.41 -28.31 -17.38
CA GLU A 96 -26.54 -27.76 -18.39
C GLU A 96 -26.30 -28.88 -19.38
N GLN A 97 -25.66 -28.55 -20.49
CA GLN A 97 -25.36 -29.55 -21.49
C GLN A 97 -23.88 -29.80 -21.45
N TRP A 98 -23.50 -30.93 -20.87
CA TRP A 98 -22.11 -31.32 -20.76
C TRP A 98 -21.61 -31.82 -22.10
N THR A 99 -20.52 -31.23 -22.57
CA THR A 99 -19.96 -31.63 -23.86
C THR A 99 -18.46 -31.87 -23.84
N LYS A 100 -18.02 -32.71 -24.78
CA LYS A 100 -16.60 -33.06 -24.93
C LYS A 100 -15.92 -31.95 -25.72
N ASP A 101 -16.70 -31.25 -26.53
CA ASP A 101 -16.18 -30.16 -27.34
C ASP A 101 -16.45 -28.81 -26.68
N THR A 102 -16.85 -27.81 -27.46
CA THR A 102 -17.13 -26.47 -26.96
C THR A 102 -18.60 -26.08 -27.19
N THR A 103 -19.39 -27.02 -27.66
CA THR A 103 -20.79 -26.74 -27.96
C THR A 103 -21.65 -26.37 -26.73
N GLY A 104 -21.22 -26.81 -25.55
CA GLY A 104 -21.96 -26.50 -24.33
C GLY A 104 -20.97 -26.26 -23.22
N THR A 105 -21.25 -26.80 -22.03
CA THR A 105 -20.36 -26.64 -20.89
C THR A 105 -19.40 -27.82 -20.89
N ASN A 106 -18.12 -27.53 -21.09
CA ASN A 106 -17.10 -28.56 -21.12
C ASN A 106 -16.96 -29.27 -19.78
N LEU A 107 -17.33 -30.54 -19.74
CA LEU A 107 -17.28 -31.32 -18.52
C LEU A 107 -15.88 -31.37 -17.92
N PHE A 108 -14.87 -31.62 -18.75
CA PHE A 108 -13.50 -31.68 -18.27
C PHE A 108 -13.06 -30.38 -17.61
N LEU A 109 -13.31 -29.27 -18.29
CA LEU A 109 -12.95 -27.95 -17.81
C LEU A 109 -13.52 -27.66 -16.44
N VAL A 110 -14.82 -27.93 -16.28
CA VAL A 110 -15.50 -27.69 -15.01
C VAL A 110 -15.08 -28.71 -13.94
N ALA A 111 -14.96 -29.96 -14.33
CA ALA A 111 -14.57 -31.03 -13.43
C ALA A 111 -13.23 -30.72 -12.79
N ALA A 112 -12.28 -30.30 -13.62
CA ALA A 112 -10.93 -29.94 -13.17
C ALA A 112 -11.02 -28.83 -12.15
N HIS A 113 -11.91 -27.88 -12.42
CA HIS A 113 -12.14 -26.73 -11.57
C HIS A 113 -12.67 -27.19 -10.22
N GLU A 114 -13.66 -28.08 -10.26
CA GLU A 114 -14.28 -28.61 -9.06
C GLU A 114 -13.31 -29.39 -8.19
N ILE A 115 -12.47 -30.21 -8.81
CA ILE A 115 -11.49 -30.99 -8.08
C ILE A 115 -10.57 -30.01 -7.34
N GLY A 116 -10.31 -28.86 -7.97
CA GLY A 116 -9.47 -27.85 -7.35
C GLY A 116 -10.01 -27.45 -5.99
N HIS A 117 -11.34 -27.45 -5.88
CA HIS A 117 -12.01 -27.10 -4.64
C HIS A 117 -12.00 -28.26 -3.67
N SER A 118 -12.27 -29.46 -4.19
CA SER A 118 -12.31 -30.67 -3.38
C SER A 118 -10.96 -30.88 -2.70
N LEU A 119 -9.92 -30.30 -3.29
CA LEU A 119 -8.56 -30.39 -2.78
C LEU A 119 -8.23 -29.23 -1.83
N GLY A 120 -8.99 -28.14 -1.90
CA GLY A 120 -8.76 -27.02 -1.03
C GLY A 120 -8.41 -25.67 -1.64
N LEU A 121 -8.60 -25.51 -2.93
CA LEU A 121 -8.28 -24.24 -3.59
C LEU A 121 -9.52 -23.38 -3.80
N PHE A 122 -9.37 -22.08 -3.58
CA PHE A 122 -10.48 -21.15 -3.76
C PHE A 122 -10.30 -20.46 -5.12
N HIS A 123 -11.04 -19.38 -5.36
CA HIS A 123 -10.92 -18.66 -6.61
C HIS A 123 -9.67 -17.79 -6.68
N SER A 124 -9.06 -17.76 -7.87
CA SER A 124 -7.84 -16.99 -8.11
C SER A 124 -8.13 -15.62 -8.71
N ALA A 125 -7.09 -14.79 -8.74
CA ALA A 125 -7.21 -13.45 -9.32
C ALA A 125 -6.76 -13.48 -10.78
N ASN A 126 -5.88 -14.44 -11.10
CA ASN A 126 -5.36 -14.63 -12.46
C ASN A 126 -6.45 -14.95 -13.47
N THR A 127 -6.59 -14.12 -14.48
CA THR A 127 -7.62 -14.31 -15.50
C THR A 127 -7.48 -15.63 -16.24
N GLU A 128 -6.23 -16.01 -16.52
CA GLU A 128 -5.99 -17.25 -17.24
C GLU A 128 -5.64 -18.44 -16.33
N ALA A 129 -6.32 -18.48 -15.18
CA ALA A 129 -6.14 -19.55 -14.20
C ALA A 129 -7.32 -20.50 -14.28
N LEU A 130 -7.09 -21.74 -13.88
CA LEU A 130 -8.11 -22.79 -13.91
C LEU A 130 -9.13 -22.52 -12.80
N MET A 131 -8.66 -21.99 -11.68
CA MET A 131 -9.52 -21.69 -10.56
C MET A 131 -10.12 -20.29 -10.63
N TYR A 132 -10.23 -19.77 -11.85
CA TYR A 132 -10.81 -18.44 -12.05
C TYR A 132 -12.32 -18.56 -11.82
N PRO A 133 -12.94 -17.53 -11.22
CA PRO A 133 -14.37 -17.51 -10.92
C PRO A 133 -15.32 -17.77 -12.08
N LEU A 134 -15.13 -17.04 -13.18
CA LEU A 134 -15.99 -17.16 -14.36
C LEU A 134 -15.58 -18.29 -15.32
N TYR A 135 -16.56 -19.08 -15.74
CA TYR A 135 -16.31 -20.18 -16.66
C TYR A 135 -16.26 -19.74 -18.13
N HIS A 136 -15.21 -20.16 -18.82
CA HIS A 136 -15.01 -19.86 -20.23
C HIS A 136 -14.34 -21.08 -20.84
N SER A 137 -14.49 -21.25 -22.15
CA SER A 137 -13.87 -22.39 -22.82
C SER A 137 -12.52 -21.96 -23.38
N LEU A 138 -12.07 -22.67 -24.41
CA LEU A 138 -10.80 -22.38 -25.07
C LEU A 138 -10.95 -22.98 -26.48
N THR A 139 -10.21 -22.45 -27.44
CA THR A 139 -10.32 -22.95 -28.81
C THR A 139 -9.70 -24.33 -29.05
N ASP A 140 -8.48 -24.57 -28.57
CA ASP A 140 -7.90 -25.89 -28.72
C ASP A 140 -7.99 -26.57 -27.37
N LEU A 141 -9.00 -27.41 -27.17
CA LEU A 141 -9.16 -28.10 -25.90
C LEU A 141 -7.91 -28.88 -25.52
N THR A 142 -7.13 -29.22 -26.55
CA THR A 142 -5.88 -29.94 -26.38
C THR A 142 -4.76 -29.05 -25.82
N ARG A 143 -4.81 -27.74 -26.11
CA ARG A 143 -3.77 -26.81 -25.63
C ARG A 143 -3.90 -26.42 -24.15
N PHE A 144 -4.93 -26.90 -23.46
CA PHE A 144 -5.10 -26.56 -22.06
C PHE A 144 -4.01 -27.14 -21.16
N ARG A 145 -3.56 -26.35 -20.20
CA ARG A 145 -2.53 -26.75 -19.24
C ARG A 145 -2.79 -25.99 -17.94
N LEU A 146 -2.45 -26.61 -16.80
CA LEU A 146 -2.65 -25.94 -15.51
C LEU A 146 -1.91 -24.62 -15.53
N SER A 147 -2.61 -23.53 -15.23
CA SER A 147 -1.99 -22.22 -15.20
C SER A 147 -0.97 -22.12 -14.07
N GLN A 148 0.08 -21.34 -14.29
CA GLN A 148 1.13 -21.15 -13.30
C GLN A 148 0.62 -20.93 -11.89
N ASP A 149 -0.39 -20.08 -11.77
CA ASP A 149 -0.99 -19.76 -10.49
C ASP A 149 -1.52 -21.02 -9.80
N ASP A 150 -2.18 -21.88 -10.56
CA ASP A 150 -2.75 -23.12 -10.03
C ASP A 150 -1.67 -24.03 -9.47
N ILE A 151 -0.51 -24.03 -10.12
CA ILE A 151 0.62 -24.86 -9.69
C ILE A 151 1.03 -24.42 -8.28
N ASN A 152 1.26 -23.13 -8.13
CA ASN A 152 1.67 -22.56 -6.85
C ASN A 152 0.64 -22.85 -5.77
N GLY A 153 -0.63 -22.72 -6.14
CA GLY A 153 -1.70 -22.95 -5.18
C GLY A 153 -1.75 -24.38 -4.68
N ILE A 154 -1.96 -25.33 -5.60
CA ILE A 154 -2.04 -26.73 -5.22
C ILE A 154 -0.80 -27.25 -4.49
N GLN A 155 0.35 -26.64 -4.75
CA GLN A 155 1.58 -27.06 -4.09
C GLN A 155 1.80 -26.45 -2.71
N SER A 156 1.20 -25.28 -2.46
CA SER A 156 1.35 -24.65 -1.15
C SER A 156 0.66 -25.48 -0.07
N LEU A 157 -0.27 -26.33 -0.52
CA LEU A 157 -1.03 -27.19 0.38
C LEU A 157 -0.42 -28.58 0.53
N TYR A 158 -0.02 -29.18 -0.59
CA TYR A 158 0.52 -30.54 -0.61
C TYR A 158 1.98 -30.66 -1.04
N GLY A 159 2.51 -29.58 -1.62
CA GLY A 159 3.89 -29.55 -2.07
C GLY A 159 4.08 -30.18 -3.43
N PRO A 160 5.31 -30.16 -3.96
CA PRO A 160 5.65 -30.75 -5.27
C PRO A 160 5.84 -32.27 -5.17
N PRO A 161 5.72 -32.97 -6.30
CA PRO A 161 5.89 -34.43 -6.35
C PRO A 161 7.35 -34.87 -6.15
N ILE B 1 4.14 16.71 -8.29
CA ILE B 1 4.78 16.14 -9.51
C ILE B 1 4.48 14.64 -9.57
N PRO B 2 3.23 14.28 -9.93
CA PRO B 2 2.83 12.87 -10.03
C PRO B 2 3.62 12.11 -11.09
N LYS B 3 4.00 10.87 -10.78
CA LYS B 3 4.72 10.03 -11.73
C LYS B 3 4.65 8.56 -11.32
N TRP B 4 4.83 7.67 -12.29
CA TRP B 4 4.79 6.22 -12.04
C TRP B 4 5.98 5.73 -11.22
N ARG B 5 5.72 4.74 -10.37
CA ARG B 5 6.72 4.15 -9.49
C ARG B 5 7.11 2.77 -10.02
N LYS B 6 7.19 2.66 -11.35
CA LYS B 6 7.55 1.43 -12.04
C LYS B 6 7.69 1.72 -13.53
N THR B 7 8.72 1.16 -14.16
CA THR B 7 8.94 1.42 -15.58
C THR B 7 8.15 0.53 -16.54
N HIS B 8 7.55 -0.54 -16.03
CA HIS B 8 6.79 -1.44 -16.89
C HIS B 8 5.28 -1.30 -16.66
N LEU B 9 4.62 -0.55 -17.56
CA LEU B 9 3.18 -0.29 -17.49
C LEU B 9 2.43 -1.22 -18.43
N THR B 10 1.17 -1.51 -18.09
CA THR B 10 0.32 -2.36 -18.91
C THR B 10 -0.87 -1.54 -19.38
N TYR B 11 -1.32 -1.78 -20.60
CA TYR B 11 -2.45 -1.05 -21.16
C TYR B 11 -3.47 -2.00 -21.74
N ARG B 12 -4.71 -1.55 -21.88
CA ARG B 12 -5.79 -2.36 -22.40
C ARG B 12 -6.75 -1.50 -23.19
N ILE B 13 -6.97 -1.86 -24.45
CA ILE B 13 -7.90 -1.14 -25.29
C ILE B 13 -9.27 -1.77 -25.01
N VAL B 14 -10.04 -1.12 -24.14
CA VAL B 14 -11.36 -1.57 -23.71
C VAL B 14 -12.38 -1.72 -24.83
N ASN B 15 -12.36 -0.78 -25.78
CA ASN B 15 -13.27 -0.83 -26.91
C ASN B 15 -12.72 -0.03 -28.09
N TYR B 16 -13.44 -0.05 -29.21
CA TYR B 16 -13.01 0.66 -30.40
C TYR B 16 -14.03 1.60 -30.98
N THR B 17 -13.55 2.57 -31.75
CA THR B 17 -14.39 3.57 -32.41
C THR B 17 -14.87 3.07 -33.76
N PRO B 18 -16.09 3.46 -34.15
CA PRO B 18 -16.64 3.04 -35.44
C PRO B 18 -15.98 3.72 -36.62
N ASP B 19 -15.22 4.79 -36.36
CA ASP B 19 -14.58 5.55 -37.42
C ASP B 19 -13.44 4.84 -38.13
N LEU B 20 -12.68 4.03 -37.39
CA LEU B 20 -11.54 3.30 -37.93
C LEU B 20 -11.64 1.78 -37.72
N PRO B 21 -10.93 1.01 -38.56
CA PRO B 21 -10.95 -0.45 -38.40
C PRO B 21 -10.21 -0.79 -37.10
N LYS B 22 -10.52 -1.95 -36.50
CA LYS B 22 -9.86 -2.35 -35.26
C LYS B 22 -8.35 -2.24 -35.35
N ASP B 23 -7.81 -2.48 -36.54
CA ASP B 23 -6.36 -2.43 -36.72
C ASP B 23 -5.78 -1.02 -36.67
N ALA B 24 -6.43 -0.07 -37.35
CA ALA B 24 -5.97 1.32 -37.39
C ALA B 24 -5.91 1.92 -35.99
N VAL B 25 -6.79 1.43 -35.12
CA VAL B 25 -6.84 1.89 -33.74
C VAL B 25 -5.63 1.37 -32.94
N ASP B 26 -5.39 0.06 -33.04
CA ASP B 26 -4.27 -0.55 -32.33
C ASP B 26 -2.93 0.04 -32.75
N SER B 27 -2.79 0.32 -34.03
CA SER B 27 -1.56 0.88 -34.58
C SER B 27 -1.31 2.28 -34.04
N ALA B 28 -2.36 3.09 -34.00
CA ALA B 28 -2.25 4.45 -33.50
C ALA B 28 -1.78 4.43 -32.06
N VAL B 29 -2.33 3.48 -31.28
CA VAL B 29 -1.97 3.33 -29.88
C VAL B 29 -0.55 2.83 -29.69
N GLU B 30 -0.18 1.79 -30.43
CA GLU B 30 1.14 1.20 -30.35
C GLU B 30 2.19 2.20 -30.79
N LYS B 31 1.91 2.93 -31.88
CA LYS B 31 2.84 3.93 -32.39
C LYS B 31 2.97 5.10 -31.40
N ALA B 32 1.88 5.39 -30.69
CA ALA B 32 1.86 6.47 -29.71
C ALA B 32 2.62 6.09 -28.45
N LEU B 33 2.53 4.82 -28.07
CA LEU B 33 3.23 4.34 -26.88
C LEU B 33 4.72 4.19 -27.16
N LYS B 34 5.02 3.76 -28.38
CA LYS B 34 6.39 3.54 -28.81
C LYS B 34 7.22 4.82 -28.82
N VAL B 35 6.59 5.98 -29.06
CA VAL B 35 7.33 7.25 -29.09
C VAL B 35 7.94 7.56 -27.73
N TRP B 36 7.23 7.18 -26.67
CA TRP B 36 7.70 7.41 -25.31
C TRP B 36 8.61 6.29 -24.86
N GLU B 37 8.31 5.07 -25.29
CA GLU B 37 9.09 3.89 -24.93
C GLU B 37 10.52 3.98 -25.45
N GLU B 38 10.68 4.68 -26.58
CA GLU B 38 11.97 4.87 -27.23
C GLU B 38 12.92 5.82 -26.48
N VAL B 39 12.35 6.87 -25.89
CA VAL B 39 13.13 7.86 -25.16
C VAL B 39 13.23 7.69 -23.64
N THR B 40 12.75 6.55 -23.13
CA THR B 40 12.77 6.26 -21.68
C THR B 40 12.78 4.75 -21.40
N PRO B 41 13.07 4.36 -20.14
CA PRO B 41 13.10 2.97 -19.70
C PRO B 41 11.71 2.36 -19.63
N LEU B 42 10.71 3.15 -19.99
CA LEU B 42 9.30 2.74 -19.99
C LEU B 42 9.05 1.60 -20.97
N THR B 43 8.29 0.60 -20.51
CA THR B 43 7.97 -0.56 -21.32
C THR B 43 6.49 -0.85 -21.14
N PHE B 44 5.78 -0.98 -22.26
CA PHE B 44 4.34 -1.24 -22.21
C PHE B 44 4.04 -2.68 -22.62
N SER B 45 2.99 -3.24 -22.06
CA SER B 45 2.60 -4.60 -22.35
C SER B 45 1.08 -4.66 -22.45
N ARG B 46 0.59 -5.21 -23.57
CA ARG B 46 -0.83 -5.31 -23.83
C ARG B 46 -1.55 -6.34 -22.96
N LEU B 47 -2.72 -5.96 -22.46
CA LEU B 47 -3.57 -6.82 -21.64
C LEU B 47 -4.95 -6.84 -22.30
N TYR B 48 -5.51 -8.04 -22.47
CA TYR B 48 -6.83 -8.18 -23.09
C TYR B 48 -7.93 -8.43 -22.07
N GLU B 49 -7.54 -8.66 -20.82
CA GLU B 49 -8.48 -8.91 -19.74
C GLU B 49 -8.09 -8.14 -18.49
N GLY B 50 -9.04 -8.00 -17.57
CA GLY B 50 -8.78 -7.32 -16.32
C GLY B 50 -8.35 -5.87 -16.32
N GLU B 51 -7.78 -5.46 -15.19
CA GLU B 51 -7.32 -4.10 -14.93
C GLU B 51 -5.89 -3.83 -15.43
N ALA B 52 -5.73 -2.74 -16.18
CA ALA B 52 -4.44 -2.34 -16.70
C ALA B 52 -4.13 -0.95 -16.18
N ASP B 53 -2.84 -0.58 -16.22
CA ASP B 53 -2.43 0.73 -15.74
C ASP B 53 -3.04 1.85 -16.55
N ILE B 54 -3.13 1.65 -17.86
CA ILE B 54 -3.71 2.67 -18.74
C ILE B 54 -4.91 2.07 -19.47
N MET B 55 -6.10 2.40 -18.98
CA MET B 55 -7.35 1.90 -19.56
C MET B 55 -7.83 2.84 -20.67
N ILE B 56 -7.50 2.46 -21.89
CA ILE B 56 -7.87 3.25 -23.07
C ILE B 56 -9.27 2.89 -23.58
N SER B 57 -10.08 3.91 -23.87
CA SER B 57 -11.43 3.67 -24.37
C SER B 57 -12.04 4.88 -25.08
N PHE B 58 -13.06 4.62 -25.88
CA PHE B 58 -13.77 5.67 -26.62
C PHE B 58 -15.12 5.92 -25.93
N ALA B 59 -15.60 7.15 -25.99
CA ALA B 59 -16.87 7.50 -25.36
C ALA B 59 -17.44 8.85 -25.77
N VAL B 60 -18.75 9.01 -25.59
CA VAL B 60 -19.41 10.28 -25.91
C VAL B 60 -20.01 10.82 -24.62
N ARG B 61 -20.10 12.15 -24.53
CA ARG B 61 -20.64 12.86 -23.35
C ARG B 61 -20.30 12.23 -22.01
N GLU B 62 -21.31 12.03 -21.19
CA GLU B 62 -21.20 11.43 -19.86
C GLU B 62 -20.73 9.98 -20.04
N HIS B 63 -19.70 9.55 -19.29
CA HIS B 63 -19.21 8.19 -19.43
C HIS B 63 -18.41 7.59 -18.27
N GLY B 64 -18.80 7.90 -17.04
CA GLY B 64 -18.13 7.31 -15.91
C GLY B 64 -17.37 8.21 -14.96
N ASP B 65 -16.29 8.82 -15.42
CA ASP B 65 -15.50 9.69 -14.55
C ASP B 65 -16.06 11.09 -14.30
N PHE B 66 -15.17 11.97 -13.85
CA PHE B 66 -15.53 13.34 -13.53
C PHE B 66 -15.48 14.36 -14.67
N TYR B 67 -15.17 13.92 -15.87
CA TYR B 67 -15.09 14.84 -17.00
C TYR B 67 -15.86 14.35 -18.21
N PRO B 68 -17.07 14.89 -18.40
CA PRO B 68 -17.89 14.47 -19.54
C PRO B 68 -17.31 15.04 -20.83
N PHE B 69 -17.80 14.54 -21.95
CA PHE B 69 -17.34 15.03 -23.23
C PHE B 69 -18.38 16.02 -23.74
N ASP B 70 -17.94 16.95 -24.59
CA ASP B 70 -18.83 17.99 -25.11
C ASP B 70 -19.38 17.84 -26.52
N GLY B 71 -19.42 16.61 -27.03
CA GLY B 71 -19.92 16.42 -28.37
C GLY B 71 -18.89 16.80 -29.41
N PRO B 72 -19.31 17.15 -30.64
CA PRO B 72 -18.40 17.54 -31.73
C PRO B 72 -17.57 18.79 -31.45
N GLY B 73 -16.27 18.71 -31.76
CA GLY B 73 -15.39 19.84 -31.56
C GLY B 73 -14.94 20.04 -30.11
N ASN B 74 -13.99 20.95 -29.90
CA ASN B 74 -13.48 21.27 -28.57
C ASN B 74 -12.62 20.17 -27.93
N VAL B 75 -12.97 19.75 -26.72
CA VAL B 75 -12.22 18.72 -26.01
C VAL B 75 -12.27 17.40 -26.78
N LEU B 76 -11.19 17.11 -27.50
CA LEU B 76 -11.09 15.88 -28.29
C LEU B 76 -10.96 14.63 -27.43
N ALA B 77 -10.31 14.79 -26.27
CA ALA B 77 -10.08 13.69 -25.33
C ALA B 77 -9.44 14.23 -24.05
N HIS B 78 -8.84 13.33 -23.27
CA HIS B 78 -8.15 13.69 -22.03
C HIS B 78 -7.62 12.47 -21.31
N ALA B 79 -6.60 12.68 -20.49
CA ALA B 79 -5.99 11.60 -19.73
C ALA B 79 -5.68 12.07 -18.32
N TYR B 80 -5.59 11.12 -17.39
CA TYR B 80 -5.29 11.41 -16.00
C TYR B 80 -3.83 11.14 -15.70
N ALA B 81 -3.26 11.92 -14.79
CA ALA B 81 -1.85 11.77 -14.40
C ALA B 81 -1.63 10.40 -13.76
N PRO B 82 -0.37 9.97 -13.63
CA PRO B 82 -0.06 8.66 -13.02
C PRO B 82 -0.70 8.44 -11.67
N GLY B 83 -1.12 7.19 -11.43
CA GLY B 83 -1.74 6.84 -10.16
C GLY B 83 -2.58 5.58 -10.27
N PRO B 84 -3.37 5.28 -9.24
CA PRO B 84 -4.23 4.10 -9.21
C PRO B 84 -5.59 4.35 -9.87
N GLY B 85 -6.38 3.28 -9.98
CA GLY B 85 -7.71 3.34 -10.54
C GLY B 85 -7.89 4.16 -11.80
N ILE B 86 -8.74 5.19 -11.71
CA ILE B 86 -9.05 6.08 -12.83
C ILE B 86 -7.81 6.79 -13.39
N ASN B 87 -6.81 7.03 -12.53
CA ASN B 87 -5.58 7.70 -12.96
C ASN B 87 -4.81 6.87 -13.99
N GLY B 88 -4.23 7.57 -14.96
CA GLY B 88 -3.46 6.91 -16.00
C GLY B 88 -4.31 6.52 -17.20
N ASP B 89 -5.63 6.55 -17.03
CA ASP B 89 -6.56 6.20 -18.11
C ASP B 89 -6.62 7.24 -19.21
N ALA B 90 -6.89 6.80 -20.43
CA ALA B 90 -6.96 7.69 -21.58
C ALA B 90 -8.30 7.47 -22.28
N HIS B 91 -9.11 8.52 -22.37
CA HIS B 91 -10.42 8.42 -23.01
C HIS B 91 -10.52 9.35 -24.22
N PHE B 92 -11.06 8.83 -25.32
CA PHE B 92 -11.21 9.60 -26.56
C PHE B 92 -12.65 9.89 -26.88
N ASP B 93 -12.96 11.16 -27.15
CA ASP B 93 -14.33 11.52 -27.48
C ASP B 93 -14.73 10.98 -28.85
N ASP B 94 -15.64 10.01 -28.85
CA ASP B 94 -16.08 9.41 -30.10
C ASP B 94 -17.10 10.29 -30.84
N ASP B 95 -17.11 11.58 -30.53
CA ASP B 95 -18.00 12.47 -31.24
C ASP B 95 -17.18 13.15 -32.34
N GLU B 96 -15.87 12.88 -32.34
CA GLU B 96 -14.95 13.40 -33.36
C GLU B 96 -14.80 12.30 -34.39
N GLN B 97 -14.18 12.63 -35.52
CA GLN B 97 -13.95 11.64 -36.56
C GLN B 97 -12.47 11.28 -36.49
N TRP B 98 -12.19 10.10 -35.95
CA TRP B 98 -10.81 9.65 -35.85
C TRP B 98 -10.33 9.15 -37.21
N THR B 99 -9.21 9.68 -37.66
CA THR B 99 -8.66 9.31 -38.96
C THR B 99 -7.18 8.95 -38.95
N LYS B 100 -6.79 8.14 -39.93
CA LYS B 100 -5.41 7.70 -40.11
C LYS B 100 -4.65 8.80 -40.84
N ASP B 101 -5.38 9.56 -41.65
CA ASP B 101 -4.78 10.65 -42.41
C ASP B 101 -4.98 11.98 -41.68
N THR B 102 -5.31 13.02 -42.44
CA THR B 102 -5.48 14.36 -41.89
C THR B 102 -6.91 14.84 -42.13
N THR B 103 -7.78 13.97 -42.62
CA THR B 103 -9.16 14.37 -42.90
C THR B 103 -9.99 14.75 -41.67
N GLY B 104 -9.61 14.22 -40.50
CA GLY B 104 -10.34 14.53 -39.28
C GLY B 104 -9.35 14.69 -38.16
N THR B 105 -9.69 14.15 -36.99
CA THR B 105 -8.81 14.22 -35.84
C THR B 105 -7.92 12.99 -35.91
N ASN B 106 -6.63 13.21 -36.09
CA ASN B 106 -5.68 12.11 -36.16
C ASN B 106 -5.59 11.38 -34.83
N LEU B 107 -6.02 10.12 -34.82
CA LEU B 107 -6.01 9.30 -33.61
C LEU B 107 -4.61 9.16 -33.02
N PHE B 108 -3.62 8.88 -33.86
CA PHE B 108 -2.25 8.71 -33.39
C PHE B 108 -1.73 9.96 -32.70
N LEU B 109 -1.92 11.11 -33.35
CA LEU B 109 -1.48 12.39 -32.84
C LEU B 109 -2.03 12.68 -31.46
N VAL B 110 -3.34 12.50 -31.30
CA VAL B 110 -3.99 12.74 -30.03
C VAL B 110 -3.63 11.68 -28.99
N ALA B 111 -3.61 10.41 -29.41
CA ALA B 111 -3.27 9.30 -28.52
C ALA B 111 -1.90 9.52 -27.89
N ALA B 112 -0.94 9.92 -28.71
CA ALA B 112 0.43 10.18 -28.27
C ALA B 112 0.41 11.26 -27.21
N HIS B 113 -0.40 12.28 -27.49
CA HIS B 113 -0.58 13.41 -26.60
C HIS B 113 -1.12 12.95 -25.25
N GLU B 114 -2.16 12.12 -25.30
CA GLU B 114 -2.80 11.60 -24.10
C GLU B 114 -1.89 10.73 -23.26
N ILE B 115 -1.09 9.89 -23.91
CA ILE B 115 -0.16 9.03 -23.18
C ILE B 115 0.82 9.94 -22.43
N GLY B 116 1.15 11.07 -23.04
CA GLY B 116 2.07 12.02 -22.42
C GLY B 116 1.55 12.41 -21.04
N HIS B 117 0.23 12.50 -20.91
CA HIS B 117 -0.42 12.86 -19.66
C HIS B 117 -0.48 11.67 -18.72
N SER B 118 -0.83 10.51 -19.27
CA SER B 118 -0.93 9.29 -18.47
C SER B 118 0.40 8.97 -17.82
N LEU B 119 1.47 9.52 -18.40
CA LEU B 119 2.82 9.32 -17.89
C LEU B 119 3.23 10.43 -16.93
N GLY B 120 2.53 11.55 -16.97
CA GLY B 120 2.84 12.64 -16.05
C GLY B 120 3.26 13.98 -16.64
N LEU B 121 3.06 14.19 -17.93
CA LEU B 121 3.45 15.46 -18.55
C LEU B 121 2.27 16.39 -18.74
N PHE B 122 2.48 17.68 -18.48
CA PHE B 122 1.44 18.68 -18.64
C PHE B 122 1.67 19.39 -19.98
N HIS B 123 1.01 20.53 -20.18
CA HIS B 123 1.15 21.27 -21.43
C HIS B 123 2.44 22.06 -21.48
N SER B 124 3.05 22.09 -22.66
CA SER B 124 4.30 22.79 -22.89
C SER B 124 4.09 24.18 -23.47
N ALA B 125 5.17 24.97 -23.48
CA ALA B 125 5.14 26.33 -24.02
C ALA B 125 5.56 26.28 -25.50
N ASN B 126 6.39 25.29 -25.84
CA ASN B 126 6.89 25.09 -27.20
C ASN B 126 5.77 24.86 -28.20
N THR B 127 5.69 25.75 -29.19
CA THR B 127 4.66 25.65 -30.23
C THR B 127 4.71 24.33 -31.00
N GLU B 128 5.93 23.88 -31.31
CA GLU B 128 6.11 22.63 -32.04
C GLU B 128 6.40 21.42 -31.15
N ALA B 129 5.73 21.38 -29.99
CA ALA B 129 5.85 20.28 -29.05
C ALA B 129 4.60 19.40 -29.16
N LEU B 130 4.76 18.13 -28.79
CA LEU B 130 3.69 17.16 -28.84
C LEU B 130 2.68 17.46 -27.72
N MET B 131 3.20 17.92 -26.58
CA MET B 131 2.35 18.24 -25.44
C MET B 131 1.85 19.67 -25.47
N TYR B 132 1.79 20.22 -26.67
CA TYR B 132 1.29 21.55 -26.83
C TYR B 132 -0.20 21.49 -26.57
N PRO B 133 -0.74 22.52 -25.89
CA PRO B 133 -2.17 22.56 -25.59
C PRO B 133 -3.15 22.48 -26.77
N LEU B 134 -2.89 23.22 -27.84
CA LEU B 134 -3.75 23.21 -29.03
C LEU B 134 -3.41 22.10 -30.04
N TYR B 135 -4.44 21.38 -30.49
CA TYR B 135 -4.25 20.29 -31.45
C TYR B 135 -4.20 20.77 -32.90
N HIS B 136 -3.18 20.29 -33.60
CA HIS B 136 -2.98 20.60 -35.01
C HIS B 136 -2.34 19.38 -35.67
N SER B 137 -2.54 19.19 -36.95
CA SER B 137 -1.90 18.05 -37.58
C SER B 137 -0.59 18.47 -38.22
N LEU B 138 -0.14 17.72 -39.23
CA LEU B 138 1.10 18.00 -39.96
C LEU B 138 0.92 17.44 -41.37
N THR B 139 1.71 17.93 -42.33
CA THR B 139 1.56 17.47 -43.72
C THR B 139 2.05 16.06 -43.93
N ASP B 140 3.26 15.76 -43.49
CA ASP B 140 3.76 14.39 -43.64
C ASP B 140 3.65 13.68 -42.30
N LEU B 141 2.57 12.93 -42.13
CA LEU B 141 2.35 12.16 -40.89
C LEU B 141 3.56 11.31 -40.56
N THR B 142 4.30 10.92 -41.58
CA THR B 142 5.49 10.11 -41.37
C THR B 142 6.68 10.96 -40.86
N ARG B 143 6.66 12.28 -41.13
CA ARG B 143 7.74 13.18 -40.68
C ARG B 143 7.65 13.54 -39.20
N PHE B 144 6.57 13.11 -38.52
CA PHE B 144 6.41 13.42 -37.09
C PHE B 144 7.47 12.74 -36.22
N ARG B 145 7.98 13.50 -35.25
CA ARG B 145 8.98 13.01 -34.31
C ARG B 145 8.76 13.75 -32.99
N LEU B 146 9.06 13.10 -31.87
CA LEU B 146 8.92 13.74 -30.57
C LEU B 146 9.76 15.01 -30.54
N SER B 147 9.11 16.14 -30.25
CA SER B 147 9.84 17.40 -30.19
C SER B 147 10.85 17.41 -29.05
N GLN B 148 11.94 18.14 -29.24
CA GLN B 148 13.01 18.24 -28.26
C GLN B 148 12.51 18.45 -26.84
N ASP B 149 11.55 19.36 -26.70
CA ASP B 149 10.96 19.67 -25.41
C ASP B 149 10.40 18.42 -24.74
N ASP B 150 9.65 17.63 -25.52
CA ASP B 150 9.03 16.40 -25.02
C ASP B 150 10.04 15.40 -24.49
N ILE B 151 11.20 15.36 -25.13
CA ILE B 151 12.28 14.45 -24.73
C ILE B 151 12.72 14.83 -23.31
N ASN B 152 13.04 16.11 -23.13
CA ASN B 152 13.48 16.63 -21.84
C ASN B 152 12.43 16.38 -20.77
N GLY B 153 11.17 16.58 -21.13
CA GLY B 153 10.10 16.40 -20.19
C GLY B 153 9.96 14.97 -19.71
N ILE B 154 9.71 14.04 -20.63
CA ILE B 154 9.53 12.65 -20.27
C ILE B 154 10.75 12.04 -19.57
N GLN B 155 11.93 12.57 -19.83
CA GLN B 155 13.15 12.06 -19.19
C GLN B 155 13.39 12.62 -17.79
N SER B 156 12.89 13.81 -17.51
CA SER B 156 13.08 14.39 -16.19
C SER B 156 12.35 13.57 -15.13
N LEU B 157 11.35 12.82 -15.59
CA LEU B 157 10.53 11.98 -14.71
C LEU B 157 11.04 10.55 -14.60
N TYR B 158 11.41 9.96 -15.74
CA TYR B 158 11.87 8.58 -15.78
C TYR B 158 13.32 8.38 -16.22
N GLY B 159 13.91 9.44 -16.78
CA GLY B 159 15.29 9.37 -17.24
C GLY B 159 15.44 8.76 -18.63
N PRO B 160 16.68 8.73 -19.16
CA PRO B 160 16.96 8.17 -20.48
C PRO B 160 17.07 6.65 -20.41
N PRO B 161 16.91 5.98 -21.57
CA PRO B 161 16.98 4.52 -21.66
C PRO B 161 18.42 3.98 -21.49
N ILE C 1 37.08 16.14 48.78
CA ILE C 1 37.89 15.78 47.58
C ILE C 1 37.88 14.27 47.39
N PRO C 2 36.76 13.70 46.90
CA PRO C 2 36.64 12.26 46.68
C PRO C 2 37.65 11.72 45.66
N LYS C 3 38.22 10.56 45.95
CA LYS C 3 39.16 9.91 45.05
C LYS C 3 39.34 8.45 45.38
N TRP C 4 39.73 7.67 44.36
CA TRP C 4 39.95 6.24 44.54
C TRP C 4 41.10 5.92 45.47
N ARG C 5 40.85 4.98 46.37
CA ARG C 5 41.86 4.53 47.31
C ARG C 5 42.57 3.30 46.71
N LYS C 6 42.74 3.31 45.39
CA LYS C 6 43.41 2.23 44.68
C LYS C 6 43.62 2.64 43.21
N THR C 7 44.81 2.35 42.69
CA THR C 7 45.16 2.71 41.33
C THR C 7 44.65 1.77 40.24
N HIS C 8 44.20 0.57 40.63
CA HIS C 8 43.69 -0.36 39.65
C HIS C 8 42.18 -0.53 39.74
N LEU C 9 41.52 -0.04 38.71
CA LEU C 9 40.06 -0.09 38.62
C LEU C 9 39.60 -1.07 37.57
N THR C 10 38.41 -1.62 37.78
CA THR C 10 37.80 -2.55 36.86
C THR C 10 36.53 -1.94 36.30
N TYR C 11 36.25 -2.18 35.03
CA TYR C 11 35.06 -1.62 34.40
C TYR C 11 34.27 -2.69 33.67
N ARG C 12 32.98 -2.45 33.51
CA ARG C 12 32.10 -3.36 32.79
C ARG C 12 31.05 -2.68 31.92
N ILE C 13 31.13 -2.91 30.61
CA ILE C 13 30.12 -2.41 29.68
C ILE C 13 28.89 -3.30 29.82
N VAL C 14 27.91 -2.79 30.54
CA VAL C 14 26.71 -3.55 30.89
C VAL C 14 25.65 -3.58 29.79
N ASN C 15 25.83 -2.84 28.73
CA ASN C 15 24.87 -2.84 27.64
C ASN C 15 25.32 -1.90 26.54
N TYR C 16 24.80 -2.10 25.34
CA TYR C 16 25.21 -1.29 24.23
C TYR C 16 24.07 -0.47 23.63
N THR C 17 24.44 0.61 22.96
CA THR C 17 23.50 1.50 22.30
C THR C 17 23.22 1.03 20.86
N PRO C 18 21.97 1.23 20.37
CA PRO C 18 21.56 0.83 19.00
C PRO C 18 22.24 1.66 17.90
N ASP C 19 22.75 2.83 18.28
CA ASP C 19 23.38 3.77 17.35
C ASP C 19 24.70 3.31 16.72
N LEU C 20 25.52 2.63 17.51
CA LEU C 20 26.82 2.15 17.05
C LEU C 20 26.98 0.64 17.17
N PRO C 21 27.92 0.05 16.41
CA PRO C 21 28.19 -1.38 16.46
C PRO C 21 28.83 -1.68 17.83
N LYS C 22 28.68 -2.89 18.34
CA LYS C 22 29.26 -3.22 19.63
C LYS C 22 30.76 -2.87 19.72
N ASP C 23 31.43 -2.89 18.56
CA ASP C 23 32.85 -2.60 18.46
C ASP C 23 33.16 -1.12 18.68
N ALA C 24 32.45 -0.26 17.95
CA ALA C 24 32.65 1.18 18.04
C ALA C 24 32.47 1.67 19.46
N VAL C 25 31.62 0.98 20.22
CA VAL C 25 31.36 1.33 21.60
C VAL C 25 32.56 0.97 22.48
N ASP C 26 33.05 -0.27 22.36
CA ASP C 26 34.20 -0.74 23.13
C ASP C 26 35.44 0.12 22.90
N SER C 27 35.66 0.51 21.64
CA SER C 27 36.80 1.32 21.25
C SER C 27 36.73 2.72 21.89
N ALA C 28 35.55 3.31 21.87
CA ALA C 28 35.34 4.63 22.43
C ALA C 28 35.70 4.60 23.92
N VAL C 29 35.26 3.54 24.59
CA VAL C 29 35.49 3.35 26.01
C VAL C 29 36.97 3.11 26.32
N GLU C 30 37.59 2.21 25.56
CA GLU C 30 38.99 1.87 25.74
C GLU C 30 39.87 3.07 25.45
N LYS C 31 39.56 3.79 24.38
CA LYS C 31 40.33 4.97 24.01
C LYS C 31 40.15 6.05 25.08
N ALA C 32 38.99 6.05 25.74
CA ALA C 32 38.70 7.02 26.80
C ALA C 32 39.38 6.60 28.11
N LEU C 33 39.37 5.29 28.37
CA LEU C 33 40.00 4.73 29.56
C LEU C 33 41.53 4.78 29.46
N LYS C 34 42.02 4.98 28.23
CA LYS C 34 43.46 5.00 27.96
C LYS C 34 44.08 6.40 28.09
N VAL C 35 43.31 7.46 27.81
CA VAL C 35 43.82 8.82 27.92
C VAL C 35 44.24 9.14 29.34
N TRP C 36 43.50 8.59 30.31
CA TRP C 36 43.80 8.81 31.71
C TRP C 36 44.87 7.83 32.21
N GLU C 37 44.83 6.61 31.68
CA GLU C 37 45.78 5.57 32.05
C GLU C 37 47.21 5.95 31.67
N GLU C 38 47.34 6.75 30.62
CA GLU C 38 48.63 7.23 30.11
C GLU C 38 49.29 8.27 30.99
N VAL C 39 48.48 9.14 31.59
CA VAL C 39 49.02 10.20 32.43
C VAL C 39 49.00 9.95 33.94
N THR C 40 48.70 8.72 34.35
CA THR C 40 48.66 8.35 35.77
C THR C 40 48.92 6.86 35.98
N PRO C 41 49.16 6.44 37.24
CA PRO C 41 49.42 5.03 37.61
C PRO C 41 48.14 4.17 37.51
N LEU C 42 47.04 4.79 37.09
CA LEU C 42 45.76 4.12 36.95
C LEU C 42 45.82 3.03 35.89
N THR C 43 45.22 1.89 36.21
CA THR C 43 45.19 0.75 35.31
C THR C 43 43.77 0.20 35.29
N PHE C 44 43.24 -0.09 34.11
CA PHE C 44 41.87 -0.60 34.03
C PHE C 44 41.82 -2.02 33.48
N SER C 45 40.88 -2.80 34.00
CA SER C 45 40.69 -4.17 33.54
C SER C 45 39.23 -4.41 33.17
N ARG C 46 39.00 -5.13 32.09
CA ARG C 46 37.64 -5.40 31.64
C ARG C 46 37.01 -6.59 32.34
N LEU C 47 35.89 -6.30 33.00
CA LEU C 47 35.09 -7.33 33.66
C LEU C 47 33.81 -7.53 32.86
N TYR C 48 33.53 -8.77 32.48
CA TYR C 48 32.36 -9.04 31.65
C TYR C 48 31.16 -9.50 32.48
N GLU C 49 31.33 -9.61 33.79
CA GLU C 49 30.24 -10.03 34.65
C GLU C 49 30.46 -9.57 36.09
N GLY C 50 29.45 -9.80 36.91
CA GLY C 50 29.44 -9.10 38.21
C GLY C 50 29.55 -7.61 38.41
N GLU C 51 30.11 -7.24 39.56
CA GLU C 51 30.27 -5.84 39.93
C GLU C 51 31.67 -5.32 39.64
N ALA C 52 31.71 -4.21 38.90
CA ALA C 52 32.97 -3.55 38.56
C ALA C 52 32.96 -2.15 39.19
N ASP C 53 34.15 -1.56 39.29
CA ASP C 53 34.26 -0.23 39.88
C ASP C 53 33.53 0.83 39.07
N ILE C 54 33.57 0.70 37.75
CA ILE C 54 32.91 1.64 36.87
C ILE C 54 31.91 0.89 35.99
N MET C 55 30.63 0.95 36.37
CA MET C 55 29.57 0.28 35.64
C MET C 55 29.03 1.19 34.54
N ILE C 56 29.51 0.95 33.33
CA ILE C 56 29.12 1.74 32.16
C ILE C 56 27.86 1.17 31.51
N SER C 57 26.92 2.05 31.16
CA SER C 57 25.67 1.60 30.52
C SER C 57 24.91 2.72 29.82
N PHE C 58 23.96 2.32 28.97
CA PHE C 58 23.12 3.25 28.21
C PHE C 58 21.68 3.17 28.72
N ALA C 59 21.02 4.31 28.81
CA ALA C 59 19.66 4.30 29.30
C ALA C 59 18.88 5.51 28.82
N VAL C 60 17.58 5.42 28.98
CA VAL C 60 16.66 6.46 28.59
C VAL C 60 15.79 6.89 29.77
N ARG C 61 15.51 8.19 29.88
CA ARG C 61 14.68 8.74 30.96
C ARG C 61 15.02 8.08 32.31
N GLU C 62 13.99 7.73 33.09
CA GLU C 62 14.19 7.07 34.39
C GLU C 62 14.91 5.74 34.18
N HIS C 63 15.91 5.44 35.00
CA HIS C 63 16.67 4.21 34.84
C HIS C 63 17.42 3.68 36.07
N GLY C 64 16.85 3.87 37.26
CA GLY C 64 17.49 3.37 38.45
C GLY C 64 17.98 4.33 39.51
N ASP C 65 18.98 5.15 39.16
CA ASP C 65 19.54 6.10 40.11
C ASP C 65 18.65 7.30 40.39
N PHE C 66 19.22 8.33 41.01
CA PHE C 66 18.43 9.51 41.32
C PHE C 66 18.52 10.64 40.30
N TYR C 67 19.02 10.34 39.11
CA TYR C 67 19.16 11.35 38.05
C TYR C 67 18.60 10.81 36.73
N PRO C 68 17.34 11.12 36.42
CA PRO C 68 16.73 10.65 35.18
C PRO C 68 17.35 11.42 34.00
N PHE C 69 17.19 10.91 32.79
CA PHE C 69 17.69 11.60 31.62
C PHE C 69 16.53 12.44 31.07
N ASP C 70 16.85 13.48 30.31
CA ASP C 70 15.84 14.39 29.77
C ASP C 70 15.46 14.24 28.29
N GLY C 71 15.70 13.07 27.72
CA GLY C 71 15.37 12.87 26.32
C GLY C 71 16.40 13.50 25.40
N PRO C 72 16.04 13.84 24.15
CA PRO C 72 16.97 14.45 23.19
C PRO C 72 17.47 15.83 23.58
N GLY C 73 18.78 16.02 23.36
CA GLY C 73 19.43 17.29 23.64
C GLY C 73 19.69 17.52 25.12
N ASN C 74 20.55 18.51 25.41
CA ASN C 74 20.87 18.88 26.78
C ASN C 74 21.82 17.90 27.45
N VAL C 75 21.41 17.40 28.63
CA VAL C 75 22.23 16.45 29.39
C VAL C 75 22.50 15.18 28.57
N LEU C 76 23.74 15.03 28.10
CA LEU C 76 24.13 13.89 27.28
C LEU C 76 24.39 12.64 28.13
N ALA C 77 25.05 12.84 29.25
CA ALA C 77 25.36 11.75 30.17
C ALA C 77 25.79 12.30 31.52
N HIS C 78 26.35 11.46 32.37
CA HIS C 78 26.82 11.88 33.67
C HIS C 78 27.46 10.74 34.42
N ALA C 79 28.40 11.06 35.29
CA ALA C 79 29.08 10.06 36.07
C ALA C 79 29.19 10.47 37.54
N TYR C 80 29.38 9.50 38.42
CA TYR C 80 29.50 9.77 39.84
C TYR C 80 30.96 9.75 40.28
N ALA C 81 31.28 10.56 41.29
CA ALA C 81 32.64 10.64 41.82
C ALA C 81 33.05 9.29 42.40
N PRO C 82 34.37 9.08 42.63
CA PRO C 82 34.88 7.82 43.19
C PRO C 82 34.17 7.37 44.47
N GLY C 83 33.97 6.07 44.59
CA GLY C 83 33.32 5.52 45.76
C GLY C 83 32.73 4.14 45.53
N PRO C 84 31.91 3.65 46.46
CA PRO C 84 31.29 2.33 46.33
C PRO C 84 29.97 2.37 45.55
N GLY C 85 29.41 1.18 45.32
CA GLY C 85 28.14 1.04 44.63
C GLY C 85 27.92 1.91 43.40
N ILE C 86 26.89 2.73 43.46
CA ILE C 86 26.53 3.62 42.36
C ILE C 86 27.66 4.58 41.96
N ASN C 87 28.51 4.95 42.92
CA ASN C 87 29.63 5.85 42.66
C ASN C 87 30.63 5.27 41.68
N GLY C 88 31.16 6.12 40.82
CA GLY C 88 32.13 5.67 39.83
C GLY C 88 31.48 5.22 38.54
N ASP C 89 30.16 5.00 38.57
CA ASP C 89 29.41 4.55 37.39
C ASP C 89 29.27 5.64 36.34
N ALA C 90 29.19 5.22 35.08
CA ALA C 90 29.05 6.15 33.96
C ALA C 90 27.85 5.75 33.11
N HIS C 91 26.88 6.65 33.00
CA HIS C 91 25.67 6.37 32.23
C HIS C 91 25.50 7.35 31.06
N PHE C 92 25.17 6.81 29.88
CA PHE C 92 25.00 7.62 28.66
C PHE C 92 23.55 7.66 28.21
N ASP C 93 23.03 8.86 27.95
CA ASP C 93 21.66 8.98 27.51
C ASP C 93 21.48 8.46 26.10
N ASP C 94 20.69 7.40 25.96
CA ASP C 94 20.46 6.80 24.66
C ASP C 94 19.35 7.45 23.87
N ASP C 95 19.07 8.71 24.20
CA ASP C 95 18.07 9.45 23.46
C ASP C 95 18.82 10.33 22.48
N GLU C 96 20.15 10.34 22.62
CA GLU C 96 21.05 11.09 21.74
C GLU C 96 21.51 10.10 20.68
N GLN C 97 22.18 10.62 19.66
CA GLN C 97 22.67 9.73 18.63
C GLN C 97 24.17 9.67 18.77
N TRP C 98 24.65 8.54 19.30
CA TRP C 98 26.06 8.34 19.50
C TRP C 98 26.73 8.02 18.16
N THR C 99 27.76 8.80 17.84
CA THR C 99 28.50 8.65 16.59
C THR C 99 30.01 8.57 16.76
N LYS C 100 30.66 7.90 15.79
CA LYS C 100 32.10 7.75 15.79
C LYS C 100 32.70 9.00 15.15
N ASP C 101 31.91 9.65 14.31
CA ASP C 101 32.30 10.88 13.63
C ASP C 101 31.80 12.11 14.40
N THR C 102 31.34 13.14 13.69
CA THR C 102 30.85 14.35 14.35
C THR C 102 29.39 14.61 13.94
N THR C 103 28.76 13.60 13.36
CA THR C 103 27.38 13.68 12.90
C THR C 103 26.39 13.87 14.05
N GLY C 104 26.74 13.34 15.22
CA GLY C 104 25.89 13.47 16.39
C GLY C 104 26.75 13.74 17.61
N THR C 105 26.54 13.00 18.69
CA THR C 105 27.32 13.18 19.90
C THR C 105 28.44 12.15 19.88
N ASN C 106 29.68 12.61 19.83
CA ASN C 106 30.82 11.71 19.80
C ASN C 106 30.92 10.92 21.11
N LEU C 107 30.73 9.62 21.01
CA LEU C 107 30.79 8.72 22.17
C LEU C 107 32.12 8.82 22.91
N PHE C 108 33.21 8.74 22.15
CA PHE C 108 34.55 8.77 22.75
C PHE C 108 34.82 10.06 23.53
N LEU C 109 34.48 11.20 22.95
CA LEU C 109 34.76 12.49 23.60
C LEU C 109 33.84 12.73 24.79
N VAL C 110 32.72 12.03 24.86
CA VAL C 110 31.83 12.17 26.01
C VAL C 110 32.21 11.15 27.07
N ALA C 111 32.59 9.97 26.59
CA ALA C 111 33.02 8.88 27.47
C ALA C 111 34.24 9.29 28.26
N ALA C 112 35.20 9.92 27.58
CA ALA C 112 36.45 10.38 28.19
C ALA C 112 36.14 11.38 29.28
N HIS C 113 35.17 12.25 28.98
CA HIS C 113 34.72 13.28 29.90
C HIS C 113 34.13 12.63 31.16
N GLU C 114 33.28 11.63 30.95
CA GLU C 114 32.63 10.92 32.05
C GLU C 114 33.62 10.18 32.95
N ILE C 115 34.62 9.56 32.34
CA ILE C 115 35.63 8.84 33.11
C ILE C 115 36.35 9.85 34.00
N GLY C 116 36.51 11.07 33.47
CA GLY C 116 37.16 12.11 34.24
C GLY C 116 36.46 12.31 35.56
N HIS C 117 35.14 12.14 35.57
CA HIS C 117 34.33 12.29 36.77
C HIS C 117 34.40 11.05 37.64
N SER C 118 34.32 9.88 37.02
CA SER C 118 34.38 8.62 37.72
C SER C 118 35.68 8.52 38.48
N LEU C 119 36.67 9.28 38.04
CA LEU C 119 37.98 9.29 38.66
C LEU C 119 38.10 10.39 39.71
N GLY C 120 37.21 11.39 39.66
CA GLY C 120 37.25 12.45 40.65
C GLY C 120 37.47 13.88 40.21
N LEU C 121 37.37 14.13 38.90
CA LEU C 121 37.55 15.48 38.39
C LEU C 121 36.23 16.19 38.13
N PHE C 122 36.17 17.48 38.47
CA PHE C 122 34.98 18.28 38.26
C PHE C 122 35.18 19.11 36.99
N HIS C 123 34.34 20.11 36.78
CA HIS C 123 34.46 20.94 35.59
C HIS C 123 35.58 21.97 35.69
N SER C 124 36.28 22.18 34.59
CA SER C 124 37.39 23.12 34.54
C SER C 124 36.98 24.49 34.01
N ALA C 125 37.88 25.45 34.13
CA ALA C 125 37.66 26.81 33.65
C ALA C 125 38.22 26.94 32.23
N ASN C 126 39.25 26.13 31.93
CA ASN C 126 39.90 26.11 30.62
C ASN C 126 38.91 25.76 29.51
N THR C 127 38.77 26.66 28.54
CA THR C 127 37.85 26.47 27.41
C THR C 127 38.24 25.24 26.57
N GLU C 128 39.54 25.04 26.37
CA GLU C 128 40.01 23.89 25.59
C GLU C 128 40.43 22.70 26.45
N ALA C 129 39.67 22.46 27.52
CA ALA C 129 39.91 21.34 28.42
C ALA C 129 38.88 20.27 28.16
N LEU C 130 39.24 19.03 28.49
CA LEU C 130 38.37 17.88 28.29
C LEU C 130 37.22 17.92 29.29
N MET C 131 37.51 18.41 30.49
CA MET C 131 36.53 18.50 31.55
C MET C 131 35.75 19.83 31.58
N TYR C 132 35.50 20.41 30.41
CA TYR C 132 34.75 21.66 30.28
C TYR C 132 33.25 21.35 30.35
N PRO C 133 32.46 22.22 31.00
CA PRO C 133 31.01 22.05 31.17
C PRO C 133 30.22 21.79 29.91
N LEU C 134 30.39 22.62 28.89
CA LEU C 134 29.63 22.47 27.65
C LEU C 134 30.27 21.55 26.62
N TYR C 135 29.47 20.67 26.03
CA TYR C 135 29.98 19.73 25.02
C TYR C 135 30.09 20.32 23.65
N HIS C 136 31.24 20.09 23.04
CA HIS C 136 31.52 20.56 21.69
C HIS C 136 32.41 19.50 21.04
N SER C 137 32.37 19.44 19.71
CA SER C 137 33.18 18.48 18.96
C SER C 137 34.52 19.09 18.62
N LEU C 138 35.17 18.53 17.59
CA LEU C 138 36.47 18.98 17.10
C LEU C 138 36.50 18.55 15.63
N THR C 139 37.24 19.28 14.81
CA THR C 139 37.36 18.99 13.38
C THR C 139 38.10 17.67 13.11
N ASP C 140 39.31 17.54 13.64
CA ASP C 140 40.05 16.31 13.46
C ASP C 140 39.99 15.50 14.75
N LEU C 141 39.09 14.53 14.76
CA LEU C 141 38.88 13.65 15.91
C LEU C 141 40.19 13.02 16.36
N THR C 142 41.10 12.85 15.41
CA THR C 142 42.40 12.26 15.69
C THR C 142 43.37 13.24 16.36
N ARG C 143 43.25 14.53 16.07
CA ARG C 143 44.13 15.50 16.69
C ARG C 143 43.83 15.74 18.19
N PHE C 144 42.82 15.06 18.75
CA PHE C 144 42.50 15.25 20.17
C PHE C 144 43.58 14.72 21.10
N ARG C 145 43.84 15.48 22.16
CA ARG C 145 44.84 15.12 23.17
C ARG C 145 44.38 15.73 24.50
N LEU C 146 44.68 15.05 25.62
CA LEU C 146 44.30 15.56 26.93
C LEU C 146 44.87 16.97 27.09
N SER C 147 44.00 17.93 27.38
CA SER C 147 44.45 19.31 27.58
C SER C 147 45.35 19.43 28.82
N GLN C 148 46.29 20.37 28.76
CA GLN C 148 47.24 20.58 29.85
C GLN C 148 46.59 20.60 31.22
N ASP C 149 45.46 21.30 31.31
CA ASP C 149 44.71 21.42 32.55
C ASP C 149 44.33 20.05 33.08
N ASP C 150 43.82 19.18 32.20
CA ASP C 150 43.38 17.83 32.58
C ASP C 150 44.51 17.01 33.17
N ILE C 151 45.72 17.22 32.64
CA ILE C 151 46.91 16.51 33.10
C ILE C 151 47.15 16.86 34.58
N ASN C 152 47.20 18.15 34.86
CA ASN C 152 47.42 18.65 36.21
C ASN C 152 46.35 18.14 37.15
N GLY C 153 45.11 18.14 36.67
CA GLY C 153 44.02 17.68 37.50
C GLY C 153 44.11 16.23 37.89
N ILE C 154 44.10 15.35 36.89
CA ILE C 154 44.17 13.92 37.15
C ILE C 154 45.39 13.50 37.95
N GLN C 155 46.48 14.26 37.84
CA GLN C 155 47.71 13.94 38.57
C GLN C 155 47.71 14.45 40.02
N SER C 156 46.95 15.49 40.30
CA SER C 156 46.92 16.02 41.67
C SER C 156 46.25 15.00 42.58
N LEU C 157 45.47 14.12 41.99
CA LEU C 157 44.77 13.09 42.77
C LEU C 157 45.54 11.77 42.86
N TYR C 158 46.11 11.32 41.74
CA TYR C 158 46.83 10.05 41.68
C TYR C 158 48.32 10.15 41.37
N GLY C 159 48.74 11.34 40.94
CA GLY C 159 50.14 11.55 40.61
C GLY C 159 50.52 11.08 39.22
N PRO C 160 51.77 11.30 38.81
CA PRO C 160 52.29 10.90 37.50
C PRO C 160 52.67 9.41 37.49
N PRO C 161 52.72 8.80 36.29
CA PRO C 161 53.08 7.39 36.13
C PRO C 161 54.56 7.11 36.44
N ILE D 1 -14.31 19.84 23.58
CA ILE D 1 -13.43 19.45 22.43
C ILE D 1 -13.51 17.94 22.23
N PRO D 2 -14.64 17.44 21.69
CA PRO D 2 -14.83 16.01 21.44
C PRO D 2 -13.80 15.44 20.47
N LYS D 3 -13.32 14.24 20.76
CA LYS D 3 -12.37 13.56 19.88
C LYS D 3 -12.29 12.07 20.19
N TRP D 4 -11.89 11.28 19.20
CA TRP D 4 -11.77 9.84 19.34
C TRP D 4 -10.68 9.43 20.32
N ARG D 5 -11.04 8.46 21.16
CA ARG D 5 -10.16 7.92 22.18
C ARG D 5 -9.51 6.66 21.60
N LYS D 6 -9.26 6.68 20.30
CA LYS D 6 -8.67 5.55 19.58
C LYS D 6 -8.29 6.02 18.18
N THR D 7 -7.11 5.65 17.68
CA THR D 7 -6.76 6.05 16.32
C THR D 7 -7.21 5.12 15.21
N HIS D 8 -7.73 3.95 15.58
CA HIS D 8 -8.23 3.00 14.58
C HIS D 8 -9.74 2.94 14.58
N LEU D 9 -10.33 3.52 13.53
CA LEU D 9 -11.78 3.57 13.39
C LEU D 9 -12.25 2.61 12.31
N THR D 10 -13.48 2.16 12.46
CA THR D 10 -14.10 1.25 11.50
C THR D 10 -15.31 1.95 10.91
N TYR D 11 -15.54 1.74 9.62
CA TYR D 11 -16.67 2.37 8.94
C TYR D 11 -17.51 1.35 8.17
N ARG D 12 -18.77 1.67 7.96
CA ARG D 12 -19.68 0.80 7.22
C ARG D 12 -20.66 1.59 6.34
N ILE D 13 -20.65 1.29 5.05
CA ILE D 13 -21.54 1.93 4.10
C ILE D 13 -22.83 1.12 4.16
N VAL D 14 -23.78 1.63 4.95
CA VAL D 14 -25.07 0.97 5.16
C VAL D 14 -25.91 0.76 3.90
N ASN D 15 -25.89 1.76 3.01
CA ASN D 15 -26.63 1.70 1.76
C ASN D 15 -26.02 2.62 0.72
N TYR D 16 -26.57 2.60 -0.49
CA TYR D 16 -26.08 3.43 -1.59
C TYR D 16 -27.16 4.28 -2.24
N THR D 17 -26.71 5.37 -2.87
CA THR D 17 -27.59 6.30 -3.56
C THR D 17 -27.82 5.84 -4.99
N PRO D 18 -29.01 6.10 -5.54
CA PRO D 18 -29.31 5.70 -6.91
C PRO D 18 -28.59 6.54 -7.98
N ASP D 19 -28.03 7.68 -7.56
CA ASP D 19 -27.34 8.59 -8.46
C ASP D 19 -26.05 8.07 -9.03
N LEU D 20 -25.30 7.36 -8.21
CA LEU D 20 -24.00 6.81 -8.62
C LEU D 20 -23.91 5.28 -8.51
N PRO D 21 -22.97 4.69 -9.25
CA PRO D 21 -22.74 3.24 -9.25
C PRO D 21 -22.21 2.87 -7.85
N LYS D 22 -22.44 1.65 -7.39
CA LYS D 22 -21.97 1.22 -6.06
C LYS D 22 -20.48 1.55 -5.90
N ASP D 23 -19.75 1.48 -7.01
CA ASP D 23 -18.32 1.72 -7.06
C ASP D 23 -17.96 3.16 -6.80
N ALA D 24 -18.58 4.04 -7.57
CA ALA D 24 -18.30 5.46 -7.46
C ALA D 24 -18.49 5.93 -6.03
N VAL D 25 -19.40 5.28 -5.32
CA VAL D 25 -19.70 5.62 -3.94
C VAL D 25 -18.55 5.18 -3.02
N ASP D 26 -18.12 3.92 -3.16
CA ASP D 26 -17.03 3.39 -2.36
C ASP D 26 -15.74 4.17 -2.52
N SER D 27 -15.46 4.58 -3.76
CA SER D 27 -14.25 5.33 -4.08
C SER D 27 -14.28 6.72 -3.43
N ALA D 28 -15.43 7.39 -3.49
CA ALA D 28 -15.57 8.71 -2.91
C ALA D 28 -15.27 8.64 -1.43
N VAL D 29 -15.81 7.60 -0.79
CA VAL D 29 -15.63 7.40 0.64
C VAL D 29 -14.19 7.06 1.01
N GLU D 30 -13.60 6.13 0.26
CA GLU D 30 -12.22 5.70 0.50
C GLU D 30 -11.27 6.86 0.25
N LYS D 31 -11.50 7.61 -0.82
CA LYS D 31 -10.63 8.74 -1.12
C LYS D 31 -10.81 9.83 -0.07
N ALA D 32 -12.01 9.95 0.50
CA ALA D 32 -12.29 10.96 1.53
C ALA D 32 -11.66 10.59 2.85
N LEU D 33 -11.64 9.29 3.16
CA LEU D 33 -11.04 8.81 4.41
C LEU D 33 -9.53 8.88 4.32
N LYS D 34 -9.02 8.58 3.13
CA LYS D 34 -7.58 8.57 2.86
C LYS D 34 -6.92 9.94 3.05
N VAL D 35 -7.66 11.03 2.78
CA VAL D 35 -7.10 12.37 2.94
C VAL D 35 -6.72 12.65 4.39
N TRP D 36 -7.53 12.12 5.32
CA TRP D 36 -7.27 12.30 6.75
C TRP D 36 -6.29 11.26 7.28
N GLU D 37 -6.37 10.06 6.73
CA GLU D 37 -5.49 8.96 7.12
C GLU D 37 -4.03 9.29 6.82
N GLU D 38 -3.81 10.06 5.77
CA GLU D 38 -2.49 10.49 5.31
C GLU D 38 -1.80 11.47 6.23
N VAL D 39 -2.57 12.39 6.79
CA VAL D 39 -2.00 13.42 7.67
C VAL D 39 -2.10 13.14 9.17
N THR D 40 -2.48 11.92 9.56
CA THR D 40 -2.61 11.54 10.97
C THR D 40 -2.44 10.03 11.18
N PRO D 41 -2.30 9.57 12.45
CA PRO D 41 -2.14 8.16 12.82
C PRO D 41 -3.44 7.39 12.66
N LEU D 42 -4.48 8.08 12.19
CA LEU D 42 -5.80 7.49 11.97
C LEU D 42 -5.77 6.40 10.90
N THR D 43 -6.41 5.28 11.20
CA THR D 43 -6.48 4.15 10.28
C THR D 43 -7.91 3.68 10.24
N PHE D 44 -8.44 3.52 9.04
CA PHE D 44 -9.82 3.08 8.86
C PHE D 44 -9.87 1.66 8.34
N SER D 45 -10.92 0.94 8.73
CA SER D 45 -11.10 -0.44 8.31
C SER D 45 -12.58 -0.68 7.98
N ARG D 46 -12.83 -1.19 6.78
CA ARG D 46 -14.19 -1.44 6.33
C ARG D 46 -14.87 -2.62 7.02
N LEU D 47 -16.14 -2.43 7.37
CA LEU D 47 -16.96 -3.44 8.01
C LEU D 47 -18.21 -3.60 7.16
N TYR D 48 -18.58 -4.85 6.86
CA TYR D 48 -19.77 -5.10 6.04
C TYR D 48 -20.96 -5.56 6.87
N GLU D 49 -20.71 -5.80 8.16
CA GLU D 49 -21.75 -6.26 9.08
C GLU D 49 -21.63 -5.55 10.42
N GLY D 50 -22.72 -5.58 11.18
CA GLY D 50 -22.74 -4.99 12.51
C GLY D 50 -22.52 -3.49 12.65
N GLU D 51 -22.13 -3.10 13.86
CA GLU D 51 -21.89 -1.71 14.23
C GLU D 51 -20.46 -1.23 13.95
N ALA D 52 -20.36 -0.07 13.32
CA ALA D 52 -19.05 0.53 13.00
C ALA D 52 -18.99 1.90 13.67
N ASP D 53 -17.79 2.44 13.81
CA ASP D 53 -17.62 3.75 14.42
C ASP D 53 -18.25 4.85 13.58
N ILE D 54 -18.16 4.73 12.26
CA ILE D 54 -18.72 5.71 11.37
C ILE D 54 -19.75 5.03 10.44
N MET D 55 -21.03 5.16 10.78
CA MET D 55 -22.11 4.55 9.99
C MET D 55 -22.56 5.49 8.88
N ILE D 56 -22.03 5.26 7.70
CA ILE D 56 -22.34 6.08 6.54
C ILE D 56 -23.59 5.58 5.83
N SER D 57 -24.47 6.51 5.43
CA SER D 57 -25.71 6.15 4.74
C SER D 57 -26.37 7.31 4.02
N PHE D 58 -27.32 6.98 3.14
CA PHE D 58 -28.07 7.97 2.36
C PHE D 58 -29.54 7.99 2.79
N ALA D 59 -30.17 9.16 2.80
CA ALA D 59 -31.57 9.27 3.21
C ALA D 59 -32.23 10.58 2.82
N VAL D 60 -33.56 10.56 2.81
CA VAL D 60 -34.35 11.74 2.49
C VAL D 60 -35.25 12.11 3.67
N ARG D 61 -35.52 13.41 3.82
CA ARG D 61 -36.38 13.92 4.90
C ARG D 61 -36.11 13.25 6.26
N GLU D 62 -37.17 12.84 6.96
CA GLU D 62 -37.08 12.17 8.26
C GLU D 62 -36.35 10.86 8.04
N HIS D 63 -35.42 10.52 8.92
CA HIS D 63 -34.65 9.28 8.76
C HIS D 63 -34.02 8.65 10.01
N GLY D 64 -34.60 8.87 11.19
CA GLY D 64 -34.04 8.27 12.38
C GLY D 64 -33.55 9.18 13.48
N ASP D 65 -32.52 9.96 13.19
CA ASP D 65 -31.96 10.88 14.17
C ASP D 65 -32.78 12.13 14.41
N PHE D 66 -32.16 13.10 15.07
CA PHE D 66 -32.85 14.34 15.42
C PHE D 66 -32.72 15.47 14.39
N TYR D 67 -32.19 15.16 13.21
CA TYR D 67 -32.01 16.17 12.17
C TYR D 67 -32.52 15.68 10.82
N PRO D 68 -33.75 16.04 10.45
CA PRO D 68 -34.29 15.60 9.17
C PRO D 68 -33.61 16.36 8.02
N PHE D 69 -33.76 15.86 6.80
CA PHE D 69 -33.17 16.54 5.65
C PHE D 69 -34.27 17.45 5.05
N ASP D 70 -33.86 18.48 4.33
CA ASP D 70 -34.80 19.44 3.75
C ASP D 70 -35.12 19.32 2.27
N GLY D 71 -34.93 18.14 1.70
CA GLY D 71 -35.21 17.98 0.28
C GLY D 71 -34.11 18.56 -0.58
N PRO D 72 -34.40 18.94 -1.84
CA PRO D 72 -33.40 19.51 -2.76
C PRO D 72 -32.80 20.85 -2.30
N GLY D 73 -31.49 20.96 -2.43
CA GLY D 73 -30.79 22.18 -2.05
C GLY D 73 -30.59 22.30 -0.55
N ASN D 74 -29.78 23.29 -0.16
CA ASN D 74 -29.50 23.59 1.25
C ASN D 74 -28.62 22.56 1.94
N VAL D 75 -29.06 22.02 3.08
CA VAL D 75 -28.28 21.04 3.82
C VAL D 75 -28.03 19.78 3.00
N LEU D 76 -26.84 19.70 2.42
CA LEU D 76 -26.46 18.55 1.58
C LEU D 76 -26.28 17.27 2.38
N ALA D 77 -25.83 17.42 3.63
CA ALA D 77 -25.58 16.29 4.53
C ALA D 77 -25.20 16.83 5.92
N HIS D 78 -24.61 15.95 6.73
CA HIS D 78 -24.13 16.32 8.07
C HIS D 78 -23.56 15.12 8.79
N ALA D 79 -22.67 15.39 9.74
CA ALA D 79 -22.04 14.33 10.52
C ALA D 79 -21.97 14.74 11.99
N TYR D 80 -21.87 13.74 12.87
CA TYR D 80 -21.80 13.98 14.30
C TYR D 80 -20.36 13.88 14.79
N ALA D 81 -20.04 14.65 15.81
CA ALA D 81 -18.72 14.66 16.40
C ALA D 81 -18.40 13.28 17.00
N PRO D 82 -17.12 13.00 17.29
CA PRO D 82 -16.69 11.72 17.86
C PRO D 82 -17.49 11.30 19.10
N GLY D 83 -17.76 10.00 19.19
CA GLY D 83 -18.50 9.47 20.32
C GLY D 83 -19.15 8.14 20.05
N PRO D 84 -20.02 7.66 20.95
CA PRO D 84 -20.71 6.39 20.79
C PRO D 84 -21.99 6.51 19.95
N GLY D 85 -22.61 5.36 19.70
CA GLY D 85 -23.86 5.30 18.94
C GLY D 85 -23.96 6.18 17.71
N ILE D 86 -24.95 7.06 17.72
CA ILE D 86 -25.22 7.99 16.63
C ILE D 86 -24.01 8.89 16.30
N ASN D 87 -23.19 9.20 17.30
CA ASN D 87 -22.02 10.04 17.09
C ASN D 87 -21.00 9.41 16.15
N GLY D 88 -20.38 10.24 15.31
CA GLY D 88 -19.41 9.75 14.35
C GLY D 88 -20.04 9.35 13.02
N ASP D 89 -21.36 9.19 13.00
CA ASP D 89 -22.08 8.79 11.78
C ASP D 89 -22.14 9.91 10.73
N ALA D 90 -22.17 9.53 9.46
CA ALA D 90 -22.23 10.48 8.36
C ALA D 90 -23.42 10.14 7.48
N HIS D 91 -24.34 11.09 7.33
CA HIS D 91 -25.54 10.88 6.51
C HIS D 91 -25.59 11.87 5.35
N PHE D 92 -25.91 11.36 4.15
CA PHE D 92 -25.99 12.19 2.95
C PHE D 92 -27.41 12.31 2.45
N ASP D 93 -27.85 13.54 2.20
CA ASP D 93 -29.20 13.77 1.69
C ASP D 93 -29.36 13.28 0.25
N ASP D 94 -30.20 12.26 0.08
CA ASP D 94 -30.43 11.70 -1.23
C ASP D 94 -31.45 12.45 -2.04
N ASP D 95 -31.69 13.70 -1.70
CA ASP D 95 -32.60 14.51 -2.48
C ASP D 95 -31.76 15.36 -3.43
N GLU D 96 -30.43 15.28 -3.24
CA GLU D 96 -29.44 15.99 -4.05
C GLU D 96 -28.98 15.00 -5.12
N GLN D 97 -28.27 15.49 -6.12
CA GLN D 97 -27.74 14.61 -7.14
C GLN D 97 -26.27 14.45 -6.90
N TRP D 98 -25.90 13.29 -6.39
CA TRP D 98 -24.51 12.98 -6.12
C TRP D 98 -23.80 12.68 -7.43
N THR D 99 -22.70 13.39 -7.68
CA THR D 99 -21.96 13.22 -8.91
C THR D 99 -20.45 13.06 -8.70
N LYS D 100 -19.81 12.38 -9.66
CA LYS D 100 -18.37 12.13 -9.63
C LYS D 100 -17.66 13.35 -10.23
N ASP D 101 -18.38 14.08 -11.08
CA ASP D 101 -17.84 15.29 -11.70
C ASP D 101 -18.37 16.51 -10.94
N THR D 102 -18.69 17.61 -11.64
CA THR D 102 -19.23 18.75 -10.91
C THR D 102 -20.61 19.14 -11.42
N THR D 103 -21.26 18.19 -12.07
CA THR D 103 -22.61 18.39 -12.60
C THR D 103 -23.63 18.61 -11.47
N GLY D 104 -23.37 18.03 -10.30
CA GLY D 104 -24.26 18.19 -9.18
C GLY D 104 -23.44 18.39 -7.92
N THR D 105 -23.74 17.62 -6.89
CA THR D 105 -23.01 17.72 -5.64
C THR D 105 -21.95 16.62 -5.64
N ASN D 106 -20.69 17.02 -5.64
CA ASN D 106 -19.60 16.06 -5.64
C ASN D 106 -19.60 15.25 -4.35
N LEU D 107 -19.85 13.96 -4.47
CA LEU D 107 -19.90 13.06 -3.32
C LEU D 107 -18.59 13.05 -2.53
N PHE D 108 -17.46 12.95 -3.24
CA PHE D 108 -16.15 12.92 -2.60
C PHE D 108 -15.90 14.17 -1.77
N LEU D 109 -16.14 15.33 -2.39
CA LEU D 109 -15.96 16.63 -1.75
C LEU D 109 -16.73 16.74 -0.46
N VAL D 110 -18.01 16.38 -0.48
CA VAL D 110 -18.84 16.45 0.71
C VAL D 110 -18.48 15.36 1.72
N ALA D 111 -18.23 14.16 1.22
CA ALA D 111 -17.87 13.03 2.06
C ALA D 111 -16.64 13.36 2.91
N ALA D 112 -15.63 13.94 2.26
CA ALA D 112 -14.39 14.35 2.92
C ALA D 112 -14.69 15.34 4.02
N HIS D 113 -15.59 16.28 3.70
CA HIS D 113 -16.04 17.31 4.61
C HIS D 113 -16.70 16.68 5.84
N GLU D 114 -17.60 15.74 5.61
CA GLU D 114 -18.32 15.05 6.66
C GLU D 114 -17.41 14.24 7.58
N ILE D 115 -16.42 13.57 7.01
CA ILE D 115 -15.48 12.79 7.80
C ILE D 115 -14.73 13.75 8.73
N GLY D 116 -14.47 14.96 8.23
CA GLY D 116 -13.81 15.95 9.04
C GLY D 116 -14.56 16.17 10.34
N HIS D 117 -15.88 16.09 10.28
CA HIS D 117 -16.73 16.27 11.46
C HIS D 117 -16.76 15.02 12.30
N SER D 118 -16.88 13.86 11.65
CA SER D 118 -16.93 12.58 12.35
C SER D 118 -15.66 12.40 13.18
N LEU D 119 -14.60 13.11 12.78
CA LEU D 119 -13.32 13.05 13.46
C LEU D 119 -13.20 14.12 14.53
N GLY D 120 -14.03 15.16 14.45
CA GLY D 120 -13.99 16.21 15.45
C GLY D 120 -13.67 17.64 15.02
N LEU D 121 -13.71 17.92 13.72
CA LEU D 121 -13.41 19.26 13.26
C LEU D 121 -14.67 20.04 12.95
N PHE D 122 -14.67 21.32 13.28
CA PHE D 122 -15.81 22.20 13.05
C PHE D 122 -15.52 23.02 11.79
N HIS D 123 -16.29 24.08 11.54
CA HIS D 123 -16.07 24.90 10.37
C HIS D 123 -14.90 25.86 10.55
N SER D 124 -14.14 26.05 9.46
CA SER D 124 -12.99 26.93 9.48
C SER D 124 -13.30 28.33 8.96
N ALA D 125 -12.35 29.24 9.13
CA ALA D 125 -12.51 30.61 8.65
C ALA D 125 -11.88 30.73 7.26
N ASN D 126 -10.90 29.87 6.99
CA ASN D 126 -10.19 29.85 5.70
C ASN D 126 -11.12 29.54 4.54
N THR D 127 -11.19 30.47 3.58
CA THR D 127 -12.05 30.31 2.41
C THR D 127 -11.70 29.07 1.58
N GLU D 128 -10.41 28.81 1.43
CA GLU D 128 -9.97 27.66 0.66
C GLU D 128 -9.65 26.42 1.52
N ALA D 129 -10.44 26.21 2.56
CA ALA D 129 -10.29 25.06 3.45
C ALA D 129 -11.39 24.05 3.14
N LEU D 130 -11.13 22.79 3.44
CA LEU D 130 -12.07 21.70 3.20
C LEU D 130 -13.24 21.80 4.17
N MET D 131 -12.97 22.26 5.39
CA MET D 131 -14.01 22.39 6.41
C MET D 131 -14.69 23.75 6.44
N TYR D 132 -14.84 24.35 5.27
CA TYR D 132 -15.48 25.65 5.09
C TYR D 132 -17.00 25.43 5.17
N PRO D 133 -17.76 26.35 5.79
CA PRO D 133 -19.22 26.24 5.94
C PRO D 133 -20.01 26.06 4.64
N LEU D 134 -19.73 26.89 3.64
CA LEU D 134 -20.44 26.85 2.37
C LEU D 134 -19.82 25.86 1.37
N TYR D 135 -20.66 25.05 0.72
CA TYR D 135 -20.20 24.09 -0.26
C TYR D 135 -19.99 24.69 -1.64
N HIS D 136 -18.83 24.40 -2.20
CA HIS D 136 -18.47 24.85 -3.55
C HIS D 136 -17.63 23.75 -4.18
N SER D 137 -17.59 23.73 -5.51
CA SER D 137 -16.82 22.74 -6.24
C SER D 137 -15.41 23.26 -6.50
N LEU D 138 -14.78 22.71 -7.54
CA LEU D 138 -13.43 23.06 -7.94
C LEU D 138 -13.34 22.66 -9.41
N THR D 139 -12.48 23.34 -10.17
CA THR D 139 -12.31 23.07 -11.60
C THR D 139 -11.67 21.70 -11.87
N ASP D 140 -10.49 21.49 -11.28
CA ASP D 140 -9.82 20.22 -11.45
C ASP D 140 -10.03 19.41 -10.20
N LEU D 141 -10.98 18.49 -10.24
CA LEU D 141 -11.28 17.62 -9.09
C LEU D 141 -10.01 16.90 -8.62
N THR D 142 -9.09 16.69 -9.57
CA THR D 142 -7.83 16.01 -9.30
C THR D 142 -6.88 16.91 -8.52
N ARG D 143 -6.89 18.19 -8.83
CA ARG D 143 -6.00 19.11 -8.14
C ARG D 143 -6.34 19.36 -6.67
N PHE D 144 -7.41 18.75 -6.17
CA PHE D 144 -7.79 18.93 -4.76
C PHE D 144 -6.77 18.32 -3.79
N ARG D 145 -6.50 19.05 -2.72
CA ARG D 145 -5.58 18.61 -1.68
C ARG D 145 -6.05 19.24 -0.36
N LEU D 146 -5.81 18.56 0.75
CA LEU D 146 -6.22 19.09 2.06
C LEU D 146 -5.56 20.44 2.26
N SER D 147 -6.38 21.46 2.53
CA SER D 147 -5.86 22.81 2.75
C SER D 147 -5.02 22.85 4.01
N GLN D 148 -4.03 23.74 4.03
CA GLN D 148 -3.12 23.91 5.16
C GLN D 148 -3.83 23.93 6.49
N ASP D 149 -4.90 24.71 6.56
CA ASP D 149 -5.70 24.85 7.76
C ASP D 149 -6.20 23.50 8.26
N ASP D 150 -6.70 22.67 7.34
CA ASP D 150 -7.22 21.35 7.68
C ASP D 150 -6.17 20.46 8.30
N ILE D 151 -4.93 20.60 7.83
CA ILE D 151 -3.80 19.82 8.33
C ILE D 151 -3.62 20.14 9.82
N ASN D 152 -3.48 21.43 10.12
CA ASN D 152 -3.29 21.90 11.48
C ASN D 152 -4.42 21.45 12.38
N GLY D 153 -5.64 21.50 11.85
CA GLY D 153 -6.80 21.12 12.62
C GLY D 153 -6.80 19.65 13.00
N ILE D 154 -6.80 18.78 12.00
CA ILE D 154 -6.85 17.35 12.26
C ILE D 154 -5.67 16.85 13.10
N GLN D 155 -4.54 17.56 13.03
CA GLN D 155 -3.37 17.17 13.80
C GLN D 155 -3.41 17.64 15.24
N SER D 156 -4.11 18.74 15.51
CA SER D 156 -4.18 19.24 16.88
C SER D 156 -4.92 18.27 17.76
N LEU D 157 -5.73 17.41 17.14
CA LEU D 157 -6.51 16.43 17.87
C LEU D 157 -5.82 15.07 17.98
N TYR D 158 -5.24 14.61 16.87
CA TYR D 158 -4.59 13.31 16.82
C TYR D 158 -3.09 13.32 16.57
N GLY D 159 -2.57 14.48 16.17
CA GLY D 159 -1.15 14.61 15.92
C GLY D 159 -0.75 14.14 14.54
N PRO D 160 0.55 14.27 14.19
CA PRO D 160 1.08 13.87 12.89
C PRO D 160 1.38 12.37 12.86
N PRO D 161 1.44 11.78 11.66
CA PRO D 161 1.71 10.34 11.50
C PRO D 161 3.17 9.98 11.85
ZN ZN E . -15.45 -22.43 -8.34
ZN ZN F . -24.43 -30.13 -4.46
CA CA G . -27.05 -24.04 -13.35
CA CA H . -16.48 -36.94 0.87
CA CA I . -28.40 -32.11 -19.21
ZN ZN J . -3.60 17.76 -23.21
ZN ZN K . -13.10 10.54 -19.45
CA CA L . -15.27 16.97 -28.28
CA CA M . -5.41 3.06 -14.32
CA CA N . -17.09 9.29 -34.18
ZN ZN O . 30.64 16.82 33.14
ZN ZN P . 22.29 7.58 35.59
CA CA Q . 19.69 14.28 26.99
CA CA R . 30.76 1.49 41.08
CA CA S . 19.78 6.78 20.42
ZN ZN T . -19.99 21.10 7.75
ZN ZN U . -28.99 12.28 9.72
CA CA V . -30.80 19.18 1.06
CA CA W . -20.97 5.61 15.47
CA CA X . -30.81 11.61 -5.46
#